data_5WEE
#
_entry.id   5WEE
#
_cell.length_a   49.560
_cell.length_b   61.565
_cell.length_c   74.819
_cell.angle_alpha   111.59
_cell.angle_beta   90.14
_cell.angle_gamma   113.47
#
_symmetry.space_group_name_H-M   'P 1'
#
loop_
_entity.id
_entity.type
_entity.pdbx_description
1 polymer 'Venom Allergen like Protein 4'
2 branched 2-acetamido-2-deoxy-beta-D-glucopyranose-(1-4)-2-acetamido-2-deoxy-beta-D-glucopyranose-(1-4)-[alpha-L-fucopyranose-(1-3)]2-acetamido-2-deoxy-beta-D-glucopyranose
3 branched alpha-L-fucopyranose-(1-3)-[2-acetamido-2-deoxy-beta-D-glucopyranose-(1-4)]2-acetamido-2-deoxy-beta-D-glucopyranose
4 branched 2-acetamido-2-deoxy-beta-D-glucopyranose-(1-4)-2-acetamido-2-deoxy-beta-D-glucopyranose
5 non-polymer alpha-L-fucopyranose
6 non-polymer 2-acetamido-2-deoxy-beta-D-glucopyranose
7 water water
#
_entity_poly.entity_id   1
_entity_poly.type   'polypeptide(L)'
_entity_poly.pdbx_seq_one_letter_code
;SEFGCDGTLEQNDTTREVFLRFHNDVRKFIALGIYPNKVGVLGPAKNMYQLKWSCDLEEEAHESIYSCSYNPLLLHPQSY
SKLLSVDLPDTDVVGATLEMWTEFMRIYGVNTKTNSYNPSFSQFANMAYSKNTKVGCSYKKCGGDTLVTCVYELGVKLPS
HPQMWENGPTCVCVAYTDSICNDNNLCEYAPTSAR
;
_entity_poly.pdbx_strand_id   A,B,C,D
#
# COMPACT_ATOMS: atom_id res chain seq x y z
N GLU A 2 7.70 22.78 -27.44
CA GLU A 2 7.79 21.38 -27.87
C GLU A 2 6.51 20.88 -28.55
N PHE A 3 5.38 21.58 -28.38
CA PHE A 3 4.20 21.19 -29.14
C PHE A 3 3.77 22.30 -30.10
N GLY A 4 3.06 23.31 -29.62
CA GLY A 4 2.70 24.42 -30.50
C GLY A 4 1.74 24.06 -31.61
N CYS A 5 0.93 23.02 -31.42
CA CYS A 5 -0.02 22.61 -32.45
C CYS A 5 -1.32 23.38 -32.21
N ASP A 6 -1.55 24.37 -33.07
CA ASP A 6 -2.65 25.33 -32.99
C ASP A 6 -3.96 24.78 -33.50
N GLY A 7 -3.93 23.74 -34.32
CA GLY A 7 -5.09 23.39 -35.13
C GLY A 7 -6.30 22.96 -34.30
N THR A 8 -7.42 22.82 -35.00
CA THR A 8 -8.65 22.23 -34.50
C THR A 8 -8.46 20.73 -34.28
N LEU A 9 -7.62 20.37 -33.33
CA LEU A 9 -7.13 19.01 -33.18
C LEU A 9 -7.82 18.23 -32.05
N GLU A 10 -8.74 18.86 -31.32
CA GLU A 10 -9.48 18.21 -30.24
C GLU A 10 -8.54 17.57 -29.22
N GLN A 11 -7.41 18.24 -28.95
CA GLN A 11 -6.43 17.69 -28.02
C GLN A 11 -5.64 18.84 -27.42
N ASN A 12 -5.24 18.69 -26.16
CA ASN A 12 -4.29 19.64 -25.61
C ASN A 12 -3.01 18.93 -25.17
N ASP A 13 -2.07 19.72 -24.66
CA ASP A 13 -0.71 19.21 -24.49
C ASP A 13 -0.58 18.18 -23.37
N THR A 14 -1.54 18.07 -22.47
CA THR A 14 -1.42 17.07 -21.41
C THR A 14 -1.32 15.67 -22.00
N THR A 15 -2.21 15.35 -22.94
CA THR A 15 -2.17 14.03 -23.55
C THR A 15 -1.05 13.94 -24.58
N ARG A 16 -0.72 15.06 -25.23
CA ARG A 16 0.41 15.04 -26.16
C ARG A 16 1.69 14.67 -25.42
N GLU A 17 1.87 15.22 -24.22
CA GLU A 17 3.04 14.90 -23.41
C GLU A 17 3.04 13.44 -22.99
N VAL A 18 1.88 12.90 -22.62
CA VAL A 18 1.77 11.47 -22.36
C VAL A 18 2.25 10.68 -23.57
N PHE A 19 1.68 10.97 -24.75
CA PHE A 19 2.12 10.32 -25.98
C PHE A 19 3.63 10.44 -26.14
N LEU A 20 4.14 11.68 -26.11
CA LEU A 20 5.54 11.89 -26.45
C LEU A 20 6.47 11.23 -25.44
N ARG A 21 6.20 11.42 -24.14
CA ARG A 21 7.15 10.88 -23.17
C ARG A 21 7.06 9.36 -23.08
N PHE A 22 5.88 8.79 -23.31
CA PHE A 22 5.78 7.34 -23.36
C PHE A 22 6.72 6.77 -24.41
N HIS A 23 6.65 7.32 -25.62
CA HIS A 23 7.54 6.88 -26.70
C HIS A 23 9.00 7.02 -26.29
N ASN A 24 9.36 8.18 -25.76
CA ASN A 24 10.78 8.40 -25.53
C ASN A 24 11.28 7.60 -24.32
N ASP A 25 10.40 7.29 -23.37
CA ASP A 25 10.76 6.40 -22.27
C ASP A 25 11.00 4.97 -22.76
N VAL A 26 10.09 4.44 -23.57
CA VAL A 26 10.28 3.14 -24.19
C VAL A 26 11.61 3.10 -24.94
N ARG A 27 11.86 4.14 -25.75
CA ARG A 27 13.07 4.14 -26.57
C ARG A 27 14.32 4.28 -25.72
N LYS A 28 14.27 5.07 -24.64
CA LYS A 28 15.44 5.18 -23.76
C LYS A 28 15.75 3.84 -23.09
N PHE A 29 14.73 3.14 -22.61
CA PHE A 29 14.97 1.89 -21.90
C PHE A 29 15.40 0.77 -22.85
N ILE A 30 14.94 0.78 -24.10
CA ILE A 30 15.51 -0.12 -25.10
C ILE A 30 16.98 0.24 -25.35
N ALA A 31 17.27 1.53 -25.53
CA ALA A 31 18.65 1.93 -25.80
C ALA A 31 19.58 1.54 -24.65
N LEU A 32 19.11 1.72 -23.41
CA LEU A 32 19.87 1.33 -22.23
C LEU A 32 19.94 -0.17 -22.03
N GLY A 33 19.12 -0.95 -22.74
CA GLY A 33 19.16 -2.38 -22.61
C GLY A 33 18.44 -2.92 -21.40
N ILE A 34 17.49 -2.17 -20.84
CA ILE A 34 16.77 -2.63 -19.66
C ILE A 34 15.26 -2.71 -19.87
N TYR A 35 14.75 -2.44 -21.08
CA TYR A 35 13.30 -2.62 -21.29
C TYR A 35 12.97 -4.10 -21.26
N PRO A 36 12.01 -4.54 -20.46
CA PRO A 36 11.73 -5.98 -20.35
C PRO A 36 11.08 -6.53 -21.62
N ASN A 37 11.66 -7.61 -22.13
CA ASN A 37 11.07 -8.46 -23.16
C ASN A 37 10.04 -9.38 -22.52
N LYS A 38 9.42 -10.25 -23.32
CA LYS A 38 8.63 -11.35 -22.75
C LYS A 38 9.47 -12.08 -21.71
N VAL A 39 10.67 -12.47 -22.09
CA VAL A 39 11.68 -12.99 -21.19
C VAL A 39 12.95 -12.16 -21.43
N GLY A 40 13.59 -11.73 -20.36
CA GLY A 40 14.81 -10.97 -20.51
C GLY A 40 14.54 -9.52 -20.85
N VAL A 41 15.50 -8.91 -21.56
CA VAL A 41 15.47 -7.48 -21.82
C VAL A 41 15.60 -7.21 -23.31
N LEU A 42 15.09 -6.05 -23.71
CA LEU A 42 15.34 -5.49 -25.03
C LEU A 42 16.58 -4.61 -24.97
N GLY A 43 17.36 -4.64 -26.03
CA GLY A 43 18.52 -3.78 -26.14
C GLY A 43 19.73 -4.35 -25.41
N PRO A 44 20.80 -3.56 -25.27
CA PRO A 44 20.93 -2.15 -25.70
C PRO A 44 20.92 -1.96 -27.21
N ALA A 45 20.67 -0.74 -27.63
CA ALA A 45 20.51 -0.39 -29.03
C ALA A 45 21.34 0.84 -29.31
N LYS A 46 21.99 0.82 -30.44
CA LYS A 46 22.72 1.96 -30.89
C LYS A 46 21.85 2.56 -31.96
N ASN A 47 21.89 3.88 -32.11
CA ASN A 47 21.10 4.56 -33.15
C ASN A 47 19.63 4.81 -32.82
N MET A 48 19.30 4.74 -31.54
CA MET A 48 17.94 4.97 -31.04
C MET A 48 17.75 6.46 -30.82
N TYR A 49 17.00 7.10 -31.72
CA TYR A 49 16.85 8.55 -31.71
C TYR A 49 15.68 9.01 -30.87
N GLN A 50 15.86 10.16 -30.22
CA GLN A 50 14.80 10.85 -29.51
C GLN A 50 13.71 11.29 -30.47
N LEU A 51 12.46 11.22 -30.02
CA LEU A 51 11.33 11.65 -30.85
C LEU A 51 10.92 13.07 -30.48
N LYS A 52 10.61 13.85 -31.50
CA LYS A 52 9.99 15.15 -31.30
C LYS A 52 8.56 15.11 -31.82
N TRP A 53 7.70 15.94 -31.26
CA TRP A 53 6.35 16.05 -31.79
C TRP A 53 6.37 16.69 -33.17
N SER A 54 5.46 16.25 -34.03
CA SER A 54 5.22 16.91 -35.30
C SER A 54 3.74 17.25 -35.40
N CYS A 55 3.44 18.55 -35.52
CA CYS A 55 2.04 18.95 -35.69
C CYS A 55 1.47 18.44 -37.00
N ASP A 56 2.30 18.39 -38.05
CA ASP A 56 1.84 17.84 -39.32
C ASP A 56 1.47 16.36 -39.17
N LEU A 57 2.26 15.61 -38.41
CA LEU A 57 1.95 14.20 -38.22
C LEU A 57 0.73 14.03 -37.32
N GLU A 58 0.56 14.91 -36.32
CA GLU A 58 -0.67 14.88 -35.54
C GLU A 58 -1.89 15.18 -36.41
N GLU A 59 -1.76 16.09 -37.37
CA GLU A 59 -2.88 16.33 -38.26
C GLU A 59 -3.21 15.08 -39.07
N GLU A 60 -2.19 14.39 -39.59
CA GLU A 60 -2.39 13.12 -40.28
C GLU A 60 -3.07 12.11 -39.37
N ALA A 61 -2.67 12.05 -38.09
CA ALA A 61 -3.35 11.16 -37.15
C ALA A 61 -4.80 11.58 -36.93
N HIS A 62 -5.02 12.86 -36.65
CA HIS A 62 -6.38 13.38 -36.46
C HIS A 62 -7.26 13.16 -37.69
N GLU A 63 -6.72 13.42 -38.88
CA GLU A 63 -7.53 13.25 -40.09
C GLU A 63 -7.94 11.79 -40.30
N SER A 64 -7.09 10.83 -39.92
CA SER A 64 -7.42 9.43 -40.19
C SER A 64 -8.57 8.89 -39.34
N ILE A 65 -8.90 9.55 -38.22
CA ILE A 65 -9.93 9.08 -37.31
C ILE A 65 -11.09 10.06 -37.22
N TYR A 66 -11.01 11.18 -37.95
CA TYR A 66 -12.01 12.23 -37.96
C TYR A 66 -13.42 11.72 -38.24
N SER A 67 -13.57 10.83 -39.22
CA SER A 67 -14.88 10.34 -39.59
C SER A 67 -15.41 9.27 -38.64
N CYS A 68 -14.63 8.88 -37.63
CA CYS A 68 -14.93 7.79 -36.71
C CYS A 68 -14.86 6.42 -37.38
N SER A 69 -14.35 6.32 -38.59
CA SER A 69 -13.90 5.05 -39.15
C SER A 69 -12.47 5.22 -39.59
N TYR A 70 -11.59 4.35 -39.10
CA TYR A 70 -10.16 4.51 -39.36
C TYR A 70 -9.86 4.52 -40.86
N ASN A 71 -9.16 5.57 -41.31
CA ASN A 71 -8.82 5.74 -42.72
C ASN A 71 -7.47 6.42 -42.81
N PRO A 72 -6.39 5.65 -42.79
CA PRO A 72 -5.06 6.28 -42.78
C PRO A 72 -4.78 6.94 -44.11
N LEU A 73 -3.99 8.02 -44.07
CA LEU A 73 -3.55 8.69 -45.28
C LEU A 73 -2.47 7.92 -46.03
N LEU A 74 -1.80 6.98 -45.35
CA LEU A 74 -0.78 6.09 -45.91
C LEU A 74 0.47 6.83 -46.37
N LEU A 75 0.68 8.06 -45.90
CA LEU A 75 1.94 8.76 -46.14
C LEU A 75 3.04 8.32 -45.19
N HIS A 76 2.68 7.82 -44.01
CA HIS A 76 3.65 7.54 -42.96
C HIS A 76 3.21 6.31 -42.19
N PRO A 77 4.14 5.58 -41.58
CA PRO A 77 3.76 4.48 -40.69
C PRO A 77 2.79 4.96 -39.62
N GLN A 78 1.84 4.11 -39.26
CA GLN A 78 0.79 4.56 -38.37
C GLN A 78 0.30 3.41 -37.51
N SER A 79 0.18 3.68 -36.22
CA SER A 79 -0.34 2.72 -35.25
C SER A 79 -1.74 3.16 -34.85
N TYR A 80 -2.63 2.19 -34.64
CA TYR A 80 -4.03 2.50 -34.40
C TYR A 80 -4.65 1.43 -33.51
N SER A 81 -5.54 1.87 -32.61
CA SER A 81 -6.37 0.92 -31.88
C SER A 81 -7.72 1.57 -31.58
N LYS A 82 -8.74 0.74 -31.50
CA LYS A 82 -10.08 1.15 -31.08
C LYS A 82 -10.33 0.59 -29.68
N LEU A 83 -10.60 1.46 -28.73
CA LEU A 83 -10.83 1.06 -27.37
C LEU A 83 -12.26 1.37 -26.97
N LEU A 84 -12.74 0.67 -25.95
CA LEU A 84 -14.06 0.95 -25.44
C LEU A 84 -14.05 2.27 -24.69
N SER A 85 -14.98 3.16 -25.02
CA SER A 85 -15.07 4.43 -24.32
C SER A 85 -15.53 4.18 -22.89
N VAL A 86 -14.83 4.75 -21.92
CA VAL A 86 -15.23 4.55 -20.54
C VAL A 86 -15.27 5.90 -19.84
N ASP A 87 -15.91 5.91 -18.68
CA ASP A 87 -16.07 7.16 -17.94
C ASP A 87 -14.84 7.37 -17.06
N LEU A 88 -13.74 7.68 -17.73
CA LEU A 88 -12.45 7.98 -17.11
C LEU A 88 -11.78 9.07 -17.94
N PRO A 89 -10.79 9.75 -17.40
CA PRO A 89 -10.16 10.84 -18.16
C PRO A 89 -9.49 10.38 -19.45
N ASP A 90 -9.26 11.35 -20.34
CA ASP A 90 -8.59 11.06 -21.61
C ASP A 90 -7.18 10.51 -21.43
N THR A 91 -6.45 10.96 -20.40
CA THR A 91 -5.12 10.38 -20.16
C THR A 91 -5.21 8.87 -19.94
N ASP A 92 -6.33 8.38 -19.40
CA ASP A 92 -6.48 6.95 -19.13
C ASP A 92 -6.58 6.15 -20.42
N VAL A 93 -7.42 6.61 -21.38
CA VAL A 93 -7.50 5.93 -22.68
C VAL A 93 -6.15 5.98 -23.38
N VAL A 94 -5.57 7.18 -23.45
CA VAL A 94 -4.27 7.36 -24.08
C VAL A 94 -3.24 6.45 -23.42
N GLY A 95 -3.16 6.49 -22.10
CA GLY A 95 -2.25 5.60 -21.38
C GLY A 95 -2.55 4.13 -21.64
N ALA A 96 -3.83 3.76 -21.63
CA ALA A 96 -4.20 2.36 -21.83
C ALA A 96 -3.77 1.88 -23.21
N THR A 97 -3.98 2.70 -24.24
CA THR A 97 -3.58 2.33 -25.59
C THR A 97 -2.07 2.10 -25.65
N LEU A 98 -1.29 3.07 -25.16
CA LEU A 98 0.18 2.95 -25.21
C LEU A 98 0.68 1.75 -24.42
N GLU A 99 0.15 1.56 -23.21
CA GLU A 99 0.51 0.36 -22.46
C GLU A 99 0.13 -0.89 -23.23
N MET A 100 -1.09 -0.92 -23.80
CA MET A 100 -1.50 -2.09 -24.57
C MET A 100 -0.56 -2.35 -25.72
N TRP A 101 -0.15 -1.30 -26.44
CA TRP A 101 0.78 -1.51 -27.54
C TRP A 101 2.06 -2.17 -27.06
N THR A 102 2.56 -1.78 -25.88
CA THR A 102 3.77 -2.45 -25.40
C THR A 102 3.47 -3.84 -24.84
N GLU A 103 2.28 -4.07 -24.28
CA GLU A 103 2.01 -5.41 -23.76
C GLU A 103 1.91 -6.44 -24.88
N PHE A 104 1.42 -6.05 -26.06
CA PHE A 104 1.44 -6.96 -27.20
C PHE A 104 2.83 -7.53 -27.40
N MET A 105 3.84 -6.65 -27.35
CA MET A 105 5.22 -7.07 -27.47
C MET A 105 5.60 -8.04 -26.36
N ARG A 106 5.27 -7.69 -25.11
CA ARG A 106 5.63 -8.53 -23.97
C ARG A 106 4.88 -9.85 -23.98
N ILE A 107 3.70 -9.90 -24.58
CA ILE A 107 2.96 -11.17 -24.62
C ILE A 107 3.56 -12.09 -25.67
N TYR A 108 4.00 -11.54 -26.79
CA TYR A 108 4.52 -12.32 -27.90
C TYR A 108 6.02 -12.52 -27.82
N GLY A 109 6.77 -11.49 -27.47
CA GLY A 109 8.20 -11.62 -27.35
C GLY A 109 8.96 -11.19 -28.59
N VAL A 110 9.97 -10.37 -28.39
CA VAL A 110 10.87 -9.93 -29.44
C VAL A 110 12.02 -10.92 -29.57
N ASN A 111 12.38 -11.24 -30.80
CA ASN A 111 13.66 -11.89 -31.07
C ASN A 111 14.73 -10.81 -30.95
N THR A 112 15.53 -10.85 -29.88
CA THR A 112 16.49 -9.76 -29.67
C THR A 112 17.78 -9.93 -30.48
N LYS A 113 17.88 -10.98 -31.30
CA LYS A 113 19.01 -11.11 -32.23
C LYS A 113 18.78 -10.30 -33.49
N THR A 114 17.55 -10.30 -34.00
CA THR A 114 17.16 -9.52 -35.17
C THR A 114 16.42 -8.23 -34.82
N ASN A 115 15.71 -8.22 -33.69
CA ASN A 115 14.79 -7.15 -33.32
C ASN A 115 13.78 -6.87 -34.44
N SER A 116 13.36 -7.93 -35.13
CA SER A 116 12.45 -7.74 -36.24
C SER A 116 11.06 -7.38 -35.78
N TYR A 117 10.41 -6.53 -36.57
CA TYR A 117 8.98 -6.32 -36.52
C TYR A 117 8.24 -7.65 -36.49
N ASN A 118 7.16 -7.70 -35.75
CA ASN A 118 6.22 -8.79 -35.89
C ASN A 118 4.82 -8.20 -35.92
N PRO A 119 3.94 -8.69 -36.80
CA PRO A 119 2.58 -8.13 -36.85
C PRO A 119 1.86 -8.17 -35.52
N SER A 120 2.18 -9.14 -34.67
CA SER A 120 1.53 -9.23 -33.36
C SER A 120 1.94 -8.10 -32.42
N PHE A 121 3.02 -7.36 -32.70
CA PHE A 121 3.27 -6.12 -31.96
C PHE A 121 3.61 -4.99 -32.93
N SER A 122 2.71 -4.76 -33.88
CA SER A 122 3.02 -3.80 -34.93
C SER A 122 3.15 -2.39 -34.37
N GLN A 123 2.28 -2.03 -33.40
CA GLN A 123 2.36 -0.68 -32.84
C GLN A 123 3.64 -0.50 -32.06
N PHE A 124 4.05 -1.51 -31.29
CA PHE A 124 5.32 -1.40 -30.58
C PHE A 124 6.48 -1.20 -31.56
N ALA A 125 6.46 -1.93 -32.68
CA ALA A 125 7.54 -1.76 -33.65
C ALA A 125 7.59 -0.34 -34.18
N ASN A 126 6.43 0.25 -34.50
CA ASN A 126 6.43 1.63 -34.98
C ASN A 126 6.94 2.57 -33.91
N MET A 127 6.62 2.29 -32.65
CA MET A 127 7.02 3.16 -31.56
C MET A 127 8.51 3.05 -31.29
N ALA A 128 9.10 1.89 -31.53
CA ALA A 128 10.49 1.63 -31.20
C ALA A 128 11.44 1.81 -32.37
N TYR A 129 10.93 2.04 -33.58
CA TYR A 129 11.80 2.09 -34.74
C TYR A 129 12.89 3.15 -34.55
N SER A 130 14.15 2.71 -34.57
CA SER A 130 15.24 3.44 -33.96
C SER A 130 15.51 4.76 -34.68
N LYS A 131 15.40 4.77 -36.00
CA LYS A 131 15.85 5.89 -36.82
C LYS A 131 14.77 6.94 -37.05
N ASN A 132 13.54 6.68 -36.62
CA ASN A 132 12.53 7.73 -36.61
C ASN A 132 12.91 8.82 -35.62
N THR A 133 12.50 10.06 -35.90
CA THR A 133 12.68 11.17 -34.97
C THR A 133 11.42 12.00 -34.75
N LYS A 134 10.29 11.66 -35.36
CA LYS A 134 9.08 12.48 -35.24
C LYS A 134 7.86 11.60 -35.03
N VAL A 135 6.96 12.08 -34.18
CA VAL A 135 5.70 11.41 -33.94
C VAL A 135 4.59 12.45 -33.80
N GLY A 136 3.37 12.04 -34.16
CA GLY A 136 2.20 12.85 -33.88
C GLY A 136 1.04 11.93 -33.62
N CYS A 137 0.29 12.14 -32.54
CA CYS A 137 -0.76 11.24 -32.14
C CYS A 137 -2.05 12.01 -31.90
N SER A 138 -3.15 11.27 -31.93
CA SER A 138 -4.47 11.85 -31.78
C SER A 138 -5.40 10.79 -31.25
N TYR A 139 -6.55 11.22 -30.73
CA TYR A 139 -7.58 10.30 -30.28
C TYR A 139 -8.93 10.97 -30.49
N LYS A 140 -9.96 10.16 -30.60
CA LYS A 140 -11.30 10.70 -30.81
C LYS A 140 -12.34 9.77 -30.22
N LYS A 141 -13.24 10.34 -29.43
CA LYS A 141 -14.37 9.58 -28.92
C LYS A 141 -15.41 9.46 -30.03
N CYS A 142 -15.73 8.22 -30.38
CA CYS A 142 -16.67 7.91 -31.43
C CYS A 142 -17.81 7.10 -30.81
N GLY A 143 -18.63 7.78 -30.03
CA GLY A 143 -19.72 7.13 -29.32
C GLY A 143 -19.19 6.15 -28.27
N GLY A 144 -19.52 4.87 -28.46
CA GLY A 144 -19.10 3.84 -27.54
C GLY A 144 -17.62 3.49 -27.64
N ASP A 145 -16.95 3.90 -28.70
CA ASP A 145 -15.53 3.61 -28.87
C ASP A 145 -14.70 4.88 -28.88
N THR A 146 -13.43 4.72 -28.57
CA THR A 146 -12.45 5.80 -28.67
C THR A 146 -11.31 5.29 -29.53
N LEU A 147 -11.02 6.02 -30.60
CA LEU A 147 -9.92 5.65 -31.49
C LEU A 147 -8.69 6.41 -31.10
N VAL A 148 -7.54 5.73 -31.09
CA VAL A 148 -6.27 6.30 -30.69
C VAL A 148 -5.24 5.90 -31.73
N THR A 149 -4.44 6.85 -32.17
CA THR A 149 -3.56 6.52 -33.28
C THR A 149 -2.34 7.42 -33.26
N CYS A 150 -1.20 6.87 -33.63
CA CYS A 150 0.04 7.63 -33.75
C CYS A 150 0.59 7.49 -35.15
N VAL A 151 1.19 8.56 -35.64
CA VAL A 151 1.80 8.58 -36.96
C VAL A 151 3.27 8.95 -36.80
N TYR A 152 4.13 8.26 -37.55
CA TYR A 152 5.58 8.35 -37.41
C TYR A 152 6.17 8.79 -38.75
N GLU A 153 7.24 9.58 -38.70
CA GLU A 153 7.84 10.01 -39.95
C GLU A 153 8.49 8.83 -40.66
N LEU A 154 9.34 8.08 -39.96
CA LEU A 154 10.01 6.92 -40.51
C LEU A 154 9.59 5.66 -39.78
N GLY A 155 9.72 4.52 -40.46
CA GLY A 155 9.39 3.24 -39.87
C GLY A 155 10.05 2.10 -40.62
N VAL A 156 9.81 0.89 -40.14
CA VAL A 156 10.30 -0.29 -40.84
C VAL A 156 9.71 -0.30 -42.26
N LYS A 157 10.42 -0.93 -43.18
CA LYS A 157 9.91 -1.09 -44.54
C LYS A 157 9.75 -2.58 -44.81
N LEU A 158 8.51 -3.04 -44.76
CA LEU A 158 8.18 -4.44 -44.80
C LEU A 158 7.89 -4.89 -46.22
N PRO A 159 8.26 -6.13 -46.59
CA PRO A 159 8.85 -7.12 -45.68
C PRO A 159 10.36 -7.04 -45.56
N SER A 160 11.00 -6.23 -46.40
CA SER A 160 12.44 -6.41 -46.60
C SER A 160 13.27 -5.93 -45.41
N HIS A 161 12.85 -4.87 -44.74
CA HIS A 161 13.67 -4.22 -43.71
C HIS A 161 12.88 -4.13 -42.42
N PRO A 162 12.68 -5.25 -41.75
CA PRO A 162 11.85 -5.28 -40.54
C PRO A 162 12.58 -4.93 -39.26
N GLN A 163 13.86 -4.57 -39.31
CA GLN A 163 14.60 -4.41 -38.07
C GLN A 163 14.13 -3.16 -37.33
N MET A 164 13.67 -3.36 -36.08
CA MET A 164 13.21 -2.21 -35.29
C MET A 164 14.39 -1.38 -34.79
N TRP A 165 15.45 -2.03 -34.32
CA TRP A 165 16.66 -1.33 -33.88
C TRP A 165 17.84 -2.29 -34.00
N GLU A 166 19.03 -1.71 -34.08
CA GLU A 166 20.26 -2.49 -34.14
C GLU A 166 20.79 -2.70 -32.72
N ASN A 167 21.16 -3.94 -32.41
CA ASN A 167 21.88 -4.17 -31.16
C ASN A 167 23.16 -3.37 -31.21
N GLY A 168 23.48 -2.69 -30.11
CA GLY A 168 24.67 -1.89 -30.04
C GLY A 168 24.72 -1.10 -28.74
N PRO A 169 25.85 -0.43 -28.50
CA PRO A 169 26.02 0.28 -27.22
C PRO A 169 25.15 1.51 -27.16
N THR A 170 24.61 1.76 -25.97
CA THR A 170 23.90 2.99 -25.70
C THR A 170 24.78 4.17 -26.08
N CYS A 171 24.17 5.19 -26.68
CA CYS A 171 24.77 6.45 -27.06
C CYS A 171 25.69 6.36 -28.29
N VAL A 172 25.73 5.23 -28.97
CA VAL A 172 26.36 5.16 -30.29
C VAL A 172 25.36 5.74 -31.29
N CYS A 173 25.66 6.93 -31.82
CA CYS A 173 24.71 7.70 -32.63
C CYS A 173 25.37 8.11 -33.93
N VAL A 174 25.21 7.29 -34.98
CA VAL A 174 25.99 7.47 -36.20
C VAL A 174 25.08 7.38 -37.43
N ALA A 175 23.80 7.05 -37.23
CA ALA A 175 22.92 6.86 -38.38
C ALA A 175 22.68 8.16 -39.14
N TYR A 176 22.75 9.29 -38.45
CA TYR A 176 22.66 10.60 -39.08
C TYR A 176 23.92 11.39 -38.75
N THR A 177 24.39 12.17 -39.71
CA THR A 177 25.64 12.90 -39.50
C THR A 177 25.47 13.93 -38.39
N ASP A 178 26.52 14.10 -37.59
CA ASP A 178 26.55 15.07 -36.49
C ASP A 178 25.45 14.80 -35.47
N SER A 179 25.29 13.53 -35.10
CA SER A 179 24.38 13.13 -34.05
C SER A 179 25.07 13.15 -32.70
N ILE A 180 24.30 13.48 -31.65
CA ILE A 180 24.78 13.46 -30.28
C ILE A 180 23.80 12.68 -29.44
N CYS A 181 24.28 12.22 -28.28
CA CYS A 181 23.47 11.52 -27.30
C CYS A 181 23.04 12.52 -26.22
N ASN A 182 21.76 12.68 -26.02
CA ASN A 182 21.28 13.64 -25.07
C ASN A 182 21.25 13.10 -23.65
N ASP A 183 20.67 13.84 -22.74
CA ASP A 183 20.68 13.43 -21.34
C ASP A 183 19.66 12.29 -20.90
N ASN A 184 18.82 11.94 -21.84
CA ASN A 184 17.86 10.85 -21.94
C ASN A 184 18.50 9.56 -22.41
N ASN A 185 19.81 9.62 -22.73
CA ASN A 185 20.52 8.48 -23.32
C ASN A 185 20.02 8.14 -24.72
N LEU A 186 19.38 9.08 -25.41
CA LEU A 186 18.90 8.88 -26.76
C LEU A 186 19.66 9.76 -27.75
N CYS A 187 19.76 9.29 -28.98
CA CYS A 187 20.44 10.03 -30.04
C CYS A 187 19.57 11.16 -30.54
N GLU A 188 20.22 12.27 -30.91
CA GLU A 188 19.55 13.36 -31.58
C GLU A 188 20.44 13.87 -32.69
N TYR A 189 19.82 14.47 -33.69
CA TYR A 189 20.63 15.16 -34.67
C TYR A 189 19.94 16.42 -35.15
N PHE B 3 -13.54 1.33 2.69
CA PHE B 3 -12.41 0.43 2.54
C PHE B 3 -11.82 0.06 3.89
N GLY B 4 -11.32 1.06 4.61
CA GLY B 4 -10.80 0.84 5.95
C GLY B 4 -9.56 -0.02 6.00
N CYS B 5 -8.66 0.11 5.03
CA CYS B 5 -7.41 -0.66 5.01
C CYS B 5 -6.34 0.20 5.67
N ASP B 6 -6.09 -0.09 6.94
CA ASP B 6 -5.14 0.60 7.82
C ASP B 6 -3.69 0.24 7.51
N GLY B 7 -3.45 -0.88 6.83
CA GLY B 7 -2.10 -1.42 6.75
C GLY B 7 -1.15 -0.53 5.98
N THR B 8 0.14 -0.82 6.15
CA THR B 8 1.22 -0.19 5.40
C THR B 8 1.16 -0.60 3.93
N LEU B 9 0.10 -0.19 3.24
CA LEU B 9 -0.19 -0.70 1.91
C LEU B 9 0.21 0.26 0.80
N GLU B 10 0.69 1.46 1.15
CA GLU B 10 1.21 2.42 0.18
C GLU B 10 0.19 2.71 -0.92
N GLN B 11 -1.07 2.83 -0.50
CA GLN B 11 -2.16 3.15 -1.40
C GLN B 11 -3.22 3.86 -0.58
N ASN B 12 -3.89 4.84 -1.17
CA ASN B 12 -5.00 5.45 -0.45
C ASN B 12 -6.31 5.12 -1.18
N ASP B 13 -7.42 5.60 -0.62
CA ASP B 13 -8.73 5.12 -1.05
C ASP B 13 -9.10 5.60 -2.45
N THR B 14 -8.42 6.61 -2.99
CA THR B 14 -8.80 7.13 -4.30
C THR B 14 -8.52 6.10 -5.40
N THR B 15 -7.37 5.43 -5.37
CA THR B 15 -7.14 4.38 -6.34
C THR B 15 -7.95 3.13 -6.00
N ARG B 16 -8.15 2.83 -4.71
CA ARG B 16 -9.00 1.69 -4.35
C ARG B 16 -10.37 1.82 -5.00
N GLU B 17 -10.92 3.03 -4.99
CA GLU B 17 -12.24 3.25 -5.56
C GLU B 17 -12.21 3.08 -7.08
N VAL B 18 -11.16 3.57 -7.74
CA VAL B 18 -11.08 3.36 -9.18
C VAL B 18 -11.07 1.87 -9.49
N PHE B 19 -10.23 1.10 -8.77
CA PHE B 19 -10.18 -0.35 -8.93
C PHE B 19 -11.56 -0.98 -8.77
N LEU B 20 -12.22 -0.67 -7.64
CA LEU B 20 -13.48 -1.33 -7.29
C LEU B 20 -14.59 -0.93 -8.25
N ARG B 21 -14.81 0.37 -8.42
CA ARG B 21 -15.88 0.83 -9.29
C ARG B 21 -15.73 0.30 -10.72
N PHE B 22 -14.49 0.26 -11.22
CA PHE B 22 -14.25 -0.27 -12.56
C PHE B 22 -14.73 -1.71 -12.66
N HIS B 23 -14.31 -2.55 -11.71
CA HIS B 23 -14.73 -3.94 -11.67
C HIS B 23 -16.25 -4.06 -11.69
N ASN B 24 -16.91 -3.31 -10.81
CA ASN B 24 -18.35 -3.48 -10.69
C ASN B 24 -19.10 -2.89 -11.89
N ASP B 25 -18.54 -1.87 -12.54
CA ASP B 25 -19.13 -1.43 -13.80
C ASP B 25 -19.09 -2.51 -14.85
N VAL B 26 -17.91 -3.09 -15.08
CA VAL B 26 -17.79 -4.16 -16.06
C VAL B 26 -18.77 -5.29 -15.73
N ARG B 27 -18.78 -5.72 -14.47
CA ARG B 27 -19.60 -6.86 -14.08
C ARG B 27 -21.08 -6.58 -14.30
N LYS B 28 -21.53 -5.37 -14.02
CA LYS B 28 -22.96 -5.09 -14.21
C LYS B 28 -23.30 -4.92 -15.69
N PHE B 29 -22.36 -4.40 -16.50
CA PHE B 29 -22.59 -4.33 -17.93
C PHE B 29 -22.70 -5.73 -18.54
N ILE B 30 -21.92 -6.67 -18.03
CA ILE B 30 -22.06 -8.06 -18.46
C ILE B 30 -23.39 -8.63 -17.97
N ALA B 31 -23.72 -8.39 -16.70
CA ALA B 31 -24.99 -8.89 -16.18
C ALA B 31 -26.16 -8.35 -17.00
N LEU B 32 -26.14 -7.06 -17.34
CA LEU B 32 -27.24 -6.51 -18.13
C LEU B 32 -27.17 -6.93 -19.59
N GLY B 33 -26.08 -7.55 -20.02
CA GLY B 33 -25.97 -7.96 -21.41
C GLY B 33 -25.67 -6.85 -22.37
N ILE B 34 -24.96 -5.80 -21.92
CA ILE B 34 -24.63 -4.67 -22.79
C ILE B 34 -23.13 -4.43 -22.88
N TYR B 35 -22.30 -5.25 -22.25
CA TYR B 35 -20.85 -5.02 -22.32
C TYR B 35 -20.32 -5.50 -23.67
N PRO B 36 -19.66 -4.63 -24.45
CA PRO B 36 -19.26 -5.02 -25.81
C PRO B 36 -18.24 -6.15 -25.83
N ASN B 37 -18.54 -7.18 -26.62
CA ASN B 37 -17.58 -8.22 -26.96
C ASN B 37 -16.74 -7.71 -28.13
N LYS B 38 -15.87 -8.56 -28.67
CA LYS B 38 -15.21 -8.19 -29.92
C LYS B 38 -16.26 -7.92 -30.99
N VAL B 39 -17.25 -8.78 -31.09
CA VAL B 39 -18.43 -8.56 -31.91
C VAL B 39 -19.65 -8.87 -31.04
N GLY B 40 -20.64 -7.98 -31.08
CA GLY B 40 -21.82 -8.17 -30.26
C GLY B 40 -21.52 -7.77 -28.82
N VAL B 41 -22.29 -8.33 -27.90
CA VAL B 41 -22.18 -7.97 -26.50
C VAL B 41 -22.00 -9.24 -25.68
N LEU B 42 -21.57 -9.04 -24.44
CA LEU B 42 -21.46 -10.11 -23.46
C LEU B 42 -22.71 -10.13 -22.60
N GLY B 43 -23.09 -11.34 -22.18
CA GLY B 43 -24.23 -11.52 -21.32
C GLY B 43 -25.53 -11.42 -22.09
N PRO B 44 -26.65 -11.26 -21.36
CA PRO B 44 -26.75 -11.13 -19.90
C PRO B 44 -26.29 -12.37 -19.13
N ALA B 45 -25.95 -12.18 -17.86
CA ALA B 45 -25.45 -13.24 -16.99
C ALA B 45 -26.35 -13.33 -15.77
N LYS B 46 -26.48 -14.54 -15.28
CA LYS B 46 -27.14 -14.80 -14.03
C LYS B 46 -25.99 -14.98 -13.02
N ASN B 47 -26.31 -14.86 -11.74
CA ASN B 47 -25.31 -15.02 -10.69
C ASN B 47 -24.03 -14.19 -10.81
N MET B 48 -24.14 -12.98 -11.37
CA MET B 48 -23.02 -12.04 -11.41
C MET B 48 -23.02 -11.22 -10.14
N TYR B 49 -22.08 -11.51 -9.24
CA TYR B 49 -22.10 -10.92 -7.91
C TYR B 49 -21.30 -9.62 -7.86
N GLN B 50 -21.79 -8.67 -7.08
CA GLN B 50 -21.04 -7.45 -6.85
C GLN B 50 -19.78 -7.76 -6.05
N LEU B 51 -18.71 -7.05 -6.36
CA LEU B 51 -17.46 -7.21 -5.63
C LEU B 51 -17.42 -6.23 -4.47
N LYS B 52 -16.90 -6.71 -3.34
CA LYS B 52 -16.51 -5.86 -2.23
C LYS B 52 -15.00 -5.86 -2.10
N TRP B 53 -14.43 -4.77 -1.59
CA TRP B 53 -13.01 -4.71 -1.34
C TRP B 53 -12.63 -5.63 -0.19
N SER B 54 -11.44 -6.24 -0.28
CA SER B 54 -10.89 -7.02 0.83
C SER B 54 -9.48 -6.51 1.12
N CYS B 55 -9.30 -5.95 2.32
CA CYS B 55 -7.97 -5.52 2.73
C CYS B 55 -7.00 -6.68 2.80
N ASP B 56 -7.51 -7.87 3.13
CA ASP B 56 -6.67 -9.08 3.13
C ASP B 56 -6.15 -9.38 1.73
N LEU B 57 -7.05 -9.39 0.75
CA LEU B 57 -6.62 -9.62 -0.62
C LEU B 57 -5.70 -8.50 -1.09
N GLU B 58 -5.99 -7.25 -0.71
CA GLU B 58 -5.08 -6.16 -1.05
C GLU B 58 -3.70 -6.40 -0.47
N GLU B 59 -3.65 -6.96 0.74
CA GLU B 59 -2.37 -7.32 1.33
C GLU B 59 -1.65 -8.35 0.47
N GLU B 60 -2.38 -9.39 0.05
CA GLU B 60 -1.78 -10.39 -0.82
C GLU B 60 -1.30 -9.77 -2.13
N ALA B 61 -2.06 -8.79 -2.66
CA ALA B 61 -1.62 -8.08 -3.86
C ALA B 61 -0.35 -7.27 -3.60
N HIS B 62 -0.41 -6.40 -2.59
CA HIS B 62 0.74 -5.58 -2.24
C HIS B 62 1.98 -6.42 -1.98
N GLU B 63 1.83 -7.53 -1.26
CA GLU B 63 2.98 -8.36 -0.93
C GLU B 63 3.61 -8.97 -2.17
N SER B 64 2.80 -9.33 -3.17
CA SER B 64 3.33 -9.98 -4.36
C SER B 64 4.20 -9.05 -5.21
N ILE B 65 4.11 -7.74 -5.04
CA ILE B 65 4.83 -6.81 -5.92
C ILE B 65 5.76 -5.87 -5.18
N TYR B 66 5.75 -5.86 -3.85
CA TYR B 66 6.50 -4.84 -3.11
C TYR B 66 8.00 -4.93 -3.36
N SER B 67 8.50 -6.09 -3.78
CA SER B 67 9.90 -6.27 -4.14
C SER B 67 10.22 -5.84 -5.57
N CYS B 68 9.22 -5.35 -6.30
CA CYS B 68 9.33 -4.91 -7.69
C CYS B 68 9.63 -6.06 -8.65
N SER B 69 9.54 -7.31 -8.18
CA SER B 69 9.47 -8.47 -9.04
C SER B 69 8.23 -9.25 -8.63
N TYR B 70 7.39 -9.60 -9.61
CA TYR B 70 6.14 -10.27 -9.31
C TYR B 70 6.40 -11.65 -8.69
N ASN B 71 5.94 -11.83 -7.46
CA ASN B 71 5.95 -13.15 -6.83
C ASN B 71 4.64 -13.37 -6.10
N PRO B 72 3.66 -13.94 -6.78
CA PRO B 72 2.35 -14.16 -6.16
C PRO B 72 2.43 -15.14 -5.01
N LEU B 73 1.52 -14.97 -4.07
CA LEU B 73 1.41 -15.88 -2.94
C LEU B 73 0.71 -17.17 -3.35
N LEU B 74 -0.04 -17.15 -4.45
CA LEU B 74 -0.75 -18.31 -4.98
C LEU B 74 -1.86 -18.78 -4.04
N LEU B 75 -2.30 -17.91 -3.13
CA LEU B 75 -3.42 -18.27 -2.28
C LEU B 75 -4.74 -18.03 -2.99
N HIS B 76 -4.78 -17.13 -3.95
CA HIS B 76 -6.01 -16.71 -4.60
C HIS B 76 -5.71 -16.38 -6.04
N PRO B 77 -6.72 -16.47 -6.94
CA PRO B 77 -6.52 -16.03 -8.32
C PRO B 77 -5.99 -14.60 -8.36
N GLN B 78 -5.11 -14.32 -9.30
CA GLN B 78 -4.47 -13.02 -9.28
C GLN B 78 -4.18 -12.57 -10.70
N SER B 79 -4.45 -11.29 -10.96
CA SER B 79 -4.21 -10.66 -12.25
C SER B 79 -3.01 -9.72 -12.09
N TYR B 80 -2.14 -9.69 -13.09
CA TYR B 80 -0.94 -8.89 -12.96
C TYR B 80 -0.51 -8.31 -14.30
N SER B 81 0.00 -7.08 -14.25
CA SER B 81 0.61 -6.45 -15.41
C SER B 81 1.78 -5.60 -14.96
N LYS B 82 2.87 -5.66 -15.71
CA LYS B 82 3.98 -4.73 -15.53
C LYS B 82 3.87 -3.66 -16.61
N LEU B 83 3.71 -2.42 -16.18
CA LEU B 83 3.46 -1.29 -17.06
C LEU B 83 4.73 -0.46 -17.17
N LEU B 84 4.87 0.23 -18.29
CA LEU B 84 5.82 1.32 -18.34
C LEU B 84 5.31 2.47 -17.48
N SER B 85 6.19 3.04 -16.67
CA SER B 85 5.75 4.11 -15.78
C SER B 85 5.39 5.34 -16.58
N VAL B 86 4.35 6.04 -16.15
CA VAL B 86 3.97 7.29 -16.77
C VAL B 86 3.90 8.36 -15.71
N ASP B 87 4.21 9.60 -16.11
CA ASP B 87 4.12 10.73 -15.20
C ASP B 87 2.68 11.22 -15.18
N LEU B 88 1.81 10.39 -14.62
CA LEU B 88 0.40 10.71 -14.43
C LEU B 88 -0.01 10.35 -13.02
N PRO B 89 -1.07 10.98 -12.51
CA PRO B 89 -1.62 10.55 -11.22
C PRO B 89 -1.82 9.04 -11.17
N ASP B 90 -1.68 8.49 -9.97
CA ASP B 90 -1.81 7.05 -9.79
C ASP B 90 -3.19 6.56 -10.24
N THR B 91 -4.24 7.36 -10.04
CA THR B 91 -5.58 6.94 -10.48
C THR B 91 -5.61 6.69 -11.97
N ASP B 92 -4.86 7.49 -12.73
CA ASP B 92 -4.87 7.36 -14.18
C ASP B 92 -4.03 6.17 -14.63
N VAL B 93 -2.96 5.83 -13.89
CA VAL B 93 -2.24 4.60 -14.20
C VAL B 93 -3.10 3.38 -13.91
N VAL B 94 -3.83 3.40 -12.79
CA VAL B 94 -4.75 2.32 -12.48
C VAL B 94 -5.85 2.22 -13.53
N GLY B 95 -6.49 3.35 -13.84
CA GLY B 95 -7.50 3.36 -14.90
C GLY B 95 -6.98 2.81 -16.22
N ALA B 96 -5.80 3.27 -16.64
CA ALA B 96 -5.23 2.77 -17.90
C ALA B 96 -5.04 1.26 -17.88
N THR B 97 -4.54 0.72 -16.76
CA THR B 97 -4.33 -0.72 -16.63
C THR B 97 -5.65 -1.48 -16.76
N LEU B 98 -6.66 -1.03 -16.03
CA LEU B 98 -7.95 -1.72 -16.06
C LEU B 98 -8.56 -1.68 -17.45
N GLU B 99 -8.49 -0.52 -18.10
CA GLU B 99 -8.96 -0.42 -19.48
C GLU B 99 -8.21 -1.42 -20.35
N MET B 100 -6.89 -1.48 -20.20
CA MET B 100 -6.08 -2.38 -21.00
C MET B 100 -6.48 -3.83 -20.77
N TRP B 101 -6.73 -4.21 -19.52
CA TRP B 101 -7.15 -5.57 -19.24
C TRP B 101 -8.45 -5.92 -19.96
N THR B 102 -9.40 -4.97 -20.02
CA THR B 102 -10.63 -5.27 -20.75
C THR B 102 -10.40 -5.31 -22.26
N GLU B 103 -9.47 -4.50 -22.76
CA GLU B 103 -9.25 -4.44 -24.20
C GLU B 103 -8.65 -5.75 -24.73
N PHE B 104 -7.87 -6.46 -23.92
CA PHE B 104 -7.41 -7.79 -24.33
C PHE B 104 -8.58 -8.68 -24.69
N MET B 105 -9.61 -8.68 -23.85
CA MET B 105 -10.79 -9.49 -24.15
C MET B 105 -11.37 -9.12 -25.51
N ARG B 106 -11.53 -7.83 -25.79
CA ARG B 106 -12.11 -7.42 -27.06
C ARG B 106 -11.18 -7.64 -28.24
N ILE B 107 -9.90 -7.91 -27.99
CA ILE B 107 -8.98 -8.29 -29.06
C ILE B 107 -9.19 -9.73 -29.47
N TYR B 108 -9.32 -10.62 -28.50
CA TYR B 108 -9.49 -12.04 -28.79
C TYR B 108 -10.95 -12.43 -28.92
N GLY B 109 -11.83 -11.83 -28.11
CA GLY B 109 -13.25 -12.10 -28.21
C GLY B 109 -13.67 -13.25 -27.32
N VAL B 110 -14.79 -13.10 -26.63
CA VAL B 110 -15.35 -14.15 -25.78
C VAL B 110 -16.30 -14.99 -26.61
N ASN B 111 -16.26 -16.31 -26.41
CA ASN B 111 -17.25 -17.22 -26.97
C ASN B 111 -18.48 -17.19 -26.07
N THR B 112 -19.50 -16.44 -26.48
CA THR B 112 -20.64 -16.20 -25.61
C THR B 112 -21.53 -17.42 -25.41
N LYS B 113 -21.33 -18.50 -26.19
CA LYS B 113 -22.05 -19.73 -25.89
C LYS B 113 -21.53 -20.36 -24.61
N THR B 114 -20.22 -20.25 -24.38
CA THR B 114 -19.55 -20.89 -23.26
C THR B 114 -19.07 -19.90 -22.20
N ASN B 115 -18.73 -18.67 -22.60
CA ASN B 115 -18.08 -17.70 -21.71
C ASN B 115 -16.84 -18.31 -21.05
N SER B 116 -16.14 -19.13 -21.82
CA SER B 116 -14.97 -19.82 -21.28
C SER B 116 -13.85 -18.85 -20.99
N TYR B 117 -13.15 -19.11 -19.89
CA TYR B 117 -11.85 -18.52 -19.65
C TYR B 117 -10.96 -18.66 -20.88
N ASN B 118 -10.18 -17.61 -21.15
CA ASN B 118 -9.16 -17.66 -22.19
C ASN B 118 -7.90 -17.03 -21.59
N PRO B 119 -6.78 -17.75 -21.55
CA PRO B 119 -5.56 -17.15 -20.98
C PRO B 119 -5.15 -15.85 -21.65
N SER B 120 -5.52 -15.64 -22.92
CA SER B 120 -5.18 -14.41 -23.62
C SER B 120 -5.88 -13.19 -23.04
N PHE B 121 -6.96 -13.38 -22.30
CA PHE B 121 -7.53 -12.27 -21.54
C PHE B 121 -7.78 -12.71 -20.10
N SER B 122 -6.71 -13.20 -19.45
CA SER B 122 -6.83 -13.75 -18.11
C SER B 122 -7.27 -12.70 -17.09
N GLN B 123 -6.79 -11.46 -17.22
CA GLN B 123 -7.17 -10.42 -16.28
C GLN B 123 -8.64 -10.07 -16.39
N PHE B 124 -9.14 -9.90 -17.62
CA PHE B 124 -10.58 -9.69 -17.78
C PHE B 124 -11.35 -10.86 -17.16
N ALA B 125 -10.90 -12.10 -17.41
CA ALA B 125 -11.60 -13.27 -16.89
C ALA B 125 -11.69 -13.22 -15.37
N ASN B 126 -10.58 -12.87 -14.71
CA ASN B 126 -10.58 -12.81 -13.25
C ASN B 126 -11.52 -11.72 -12.77
N MET B 127 -11.53 -10.58 -13.48
CA MET B 127 -12.40 -9.47 -13.13
C MET B 127 -13.86 -9.80 -13.34
N ALA B 128 -14.16 -10.65 -14.31
CA ALA B 128 -15.54 -10.95 -14.68
C ALA B 128 -16.11 -12.19 -14.01
N TYR B 129 -15.29 -12.95 -13.28
CA TYR B 129 -15.76 -14.22 -12.74
C TYR B 129 -16.98 -14.00 -11.84
N SER B 130 -18.10 -14.62 -12.21
CA SER B 130 -19.39 -14.16 -11.70
C SER B 130 -19.57 -14.50 -10.23
N LYS B 131 -19.04 -15.63 -9.78
CA LYS B 131 -19.32 -16.07 -8.43
C LYS B 131 -18.37 -15.48 -7.40
N ASN B 132 -17.33 -14.75 -7.82
CA ASN B 132 -16.47 -14.06 -6.87
C ASN B 132 -17.20 -12.86 -6.29
N THR B 133 -16.88 -12.55 -5.02
CA THR B 133 -17.45 -11.37 -4.39
C THR B 133 -16.44 -10.45 -3.72
N LYS B 134 -15.15 -10.78 -3.76
CA LYS B 134 -14.16 -9.96 -3.06
C LYS B 134 -12.94 -9.75 -3.95
N VAL B 135 -12.39 -8.54 -3.91
CA VAL B 135 -11.22 -8.20 -4.69
C VAL B 135 -10.33 -7.29 -3.85
N GLY B 136 -9.02 -7.46 -4.02
CA GLY B 136 -8.08 -6.52 -3.45
C GLY B 136 -7.00 -6.21 -4.47
N CYS B 137 -6.67 -4.94 -4.68
CA CYS B 137 -5.73 -4.56 -5.71
C CYS B 137 -4.68 -3.62 -5.16
N SER B 138 -3.53 -3.61 -5.83
CA SER B 138 -2.42 -2.79 -5.40
C SER B 138 -1.59 -2.41 -6.61
N TYR B 139 -0.71 -1.44 -6.40
CA TYR B 139 0.20 -1.04 -7.46
C TYR B 139 1.47 -0.53 -6.81
N LYS B 140 2.56 -0.57 -7.57
CA LYS B 140 3.83 -0.06 -7.05
C LYS B 140 4.64 0.52 -8.19
N LYS B 141 5.04 1.78 -8.02
CA LYS B 141 5.95 2.43 -8.96
C LYS B 141 7.36 1.92 -8.68
N CYS B 142 7.97 1.29 -9.69
CA CYS B 142 9.28 0.68 -9.55
C CYS B 142 10.25 1.32 -10.53
N GLY B 143 10.45 2.62 -10.41
CA GLY B 143 11.32 3.32 -11.35
C GLY B 143 10.68 3.35 -12.72
N GLY B 144 11.36 2.81 -13.71
CA GLY B 144 10.87 2.89 -15.09
C GLY B 144 9.60 2.10 -15.34
N ASP B 145 9.25 1.17 -14.44
CA ASP B 145 8.04 0.38 -14.62
C ASP B 145 7.17 0.48 -13.36
N THR B 146 5.88 0.18 -13.56
CA THR B 146 4.91 0.16 -12.48
C THR B 146 4.21 -1.19 -12.51
N LEU B 147 4.07 -1.82 -11.35
CA LEU B 147 3.41 -3.10 -11.23
C LEU B 147 1.99 -2.87 -10.73
N VAL B 148 1.03 -3.57 -11.34
CA VAL B 148 -0.37 -3.40 -10.98
C VAL B 148 -0.97 -4.78 -10.87
N THR B 149 -1.71 -5.03 -9.79
CA THR B 149 -2.21 -6.38 -9.62
C THR B 149 -3.48 -6.40 -8.77
N CYS B 150 -4.38 -7.32 -9.12
CA CYS B 150 -5.62 -7.53 -8.39
C CYS B 150 -5.70 -8.98 -7.98
N VAL B 151 -6.18 -9.21 -6.75
CA VAL B 151 -6.37 -10.55 -6.19
C VAL B 151 -7.85 -10.73 -5.91
N TYR B 152 -8.38 -11.87 -6.34
CA TYR B 152 -9.79 -12.21 -6.25
C TYR B 152 -9.97 -13.39 -5.29
N GLU B 153 -11.05 -13.38 -4.51
CA GLU B 153 -11.21 -14.50 -3.58
C GLU B 153 -11.48 -15.80 -4.33
N LEU B 154 -12.34 -15.78 -5.34
CA LEU B 154 -12.69 -16.96 -6.12
C LEU B 154 -12.43 -16.69 -7.60
N GLY B 155 -12.16 -17.76 -8.34
CA GLY B 155 -11.95 -17.64 -9.77
C GLY B 155 -12.19 -18.96 -10.46
N VAL B 156 -12.00 -18.93 -11.79
CA VAL B 156 -12.18 -20.12 -12.58
C VAL B 156 -11.21 -21.20 -12.13
N LYS B 157 -11.61 -22.46 -12.32
CA LYS B 157 -10.78 -23.63 -12.01
C LYS B 157 -10.69 -24.45 -13.28
N LEU B 158 -9.50 -24.52 -13.85
CA LEU B 158 -9.29 -25.20 -15.11
C LEU B 158 -8.84 -26.62 -14.86
N PRO B 159 -9.41 -27.64 -15.55
CA PRO B 159 -10.36 -27.60 -16.65
C PRO B 159 -11.82 -27.64 -16.21
N SER B 160 -12.04 -27.84 -14.91
CA SER B 160 -13.35 -28.27 -14.44
C SER B 160 -14.40 -27.16 -14.52
N HIS B 161 -13.99 -25.92 -14.25
CA HIS B 161 -14.90 -24.78 -14.21
C HIS B 161 -14.30 -23.62 -15.00
N PRO B 162 -14.31 -23.70 -16.32
CA PRO B 162 -13.76 -22.62 -17.14
C PRO B 162 -14.71 -21.46 -17.37
N GLN B 163 -15.96 -21.55 -16.89
CA GLN B 163 -16.97 -20.56 -17.18
C GLN B 163 -16.70 -19.27 -16.42
N MET B 164 -16.57 -18.16 -17.13
CA MET B 164 -16.44 -16.86 -16.45
C MET B 164 -17.77 -16.45 -15.83
N TRP B 165 -18.86 -16.68 -16.54
CA TRP B 165 -20.21 -16.47 -16.03
C TRP B 165 -21.11 -17.35 -16.87
N GLU B 166 -22.32 -17.57 -16.39
CA GLU B 166 -23.28 -18.36 -17.13
C GLU B 166 -24.32 -17.45 -17.75
N ASN B 167 -24.66 -17.73 -19.00
CA ASN B 167 -25.68 -16.93 -19.65
C ASN B 167 -26.99 -17.07 -18.89
N GLY B 168 -27.70 -15.96 -18.74
CA GLY B 168 -28.93 -16.00 -17.99
C GLY B 168 -29.47 -14.62 -17.69
N PRO B 169 -30.67 -14.57 -17.15
CA PRO B 169 -31.34 -13.29 -16.95
C PRO B 169 -30.67 -12.48 -15.86
N THR B 170 -30.56 -11.18 -16.11
CA THR B 170 -30.16 -10.22 -15.09
C THR B 170 -31.01 -10.42 -13.84
N CYS B 171 -30.35 -10.36 -12.68
CA CYS B 171 -30.95 -10.41 -11.35
C CYS B 171 -31.42 -11.80 -10.93
N VAL B 172 -31.11 -12.84 -11.70
CA VAL B 172 -31.24 -14.20 -11.19
C VAL B 172 -30.06 -14.43 -10.23
N CYS B 173 -30.33 -14.58 -8.94
CA CYS B 173 -29.25 -14.64 -7.96
C CYS B 173 -29.46 -15.83 -7.04
N VAL B 174 -29.03 -17.00 -7.49
CA VAL B 174 -29.25 -18.24 -6.75
C VAL B 174 -27.96 -19.02 -6.51
N ALA B 175 -26.80 -18.49 -6.93
CA ALA B 175 -25.54 -19.21 -6.72
C ALA B 175 -25.26 -19.40 -5.24
N TYR B 176 -25.59 -18.40 -4.44
CA TYR B 176 -25.47 -18.45 -3.00
C TYR B 176 -26.85 -18.31 -2.42
N THR B 177 -27.12 -19.02 -1.32
CA THR B 177 -28.40 -18.87 -0.67
C THR B 177 -28.50 -17.49 -0.04
N ASP B 178 -29.72 -16.95 -0.01
CA ASP B 178 -29.98 -15.65 0.59
C ASP B 178 -29.25 -14.53 -0.16
N SER B 179 -29.25 -14.62 -1.49
CA SER B 179 -28.77 -13.56 -2.36
C SER B 179 -29.92 -12.67 -2.80
N ILE B 180 -29.59 -11.43 -3.17
CA ILE B 180 -30.54 -10.51 -3.77
C ILE B 180 -29.83 -9.75 -4.88
N CYS B 181 -30.62 -9.11 -5.72
CA CYS B 181 -30.12 -8.24 -6.78
C CYS B 181 -30.23 -6.80 -6.30
N ASN B 182 -29.10 -6.10 -6.27
CA ASN B 182 -29.08 -4.77 -5.68
C ASN B 182 -29.39 -3.73 -6.75
N ASP B 183 -29.25 -2.44 -6.40
CA ASP B 183 -29.57 -1.37 -7.33
C ASP B 183 -28.61 -1.30 -8.51
N ASN B 184 -27.44 -1.92 -8.40
CA ASN B 184 -26.53 -1.98 -9.53
C ASN B 184 -26.85 -3.12 -10.49
N ASN B 185 -27.93 -3.86 -10.24
CA ASN B 185 -28.31 -5.03 -11.02
C ASN B 185 -27.28 -6.13 -10.90
N LEU B 186 -26.58 -6.15 -9.77
CA LEU B 186 -25.64 -7.18 -9.41
C LEU B 186 -26.16 -7.97 -8.22
N CYS B 187 -25.85 -9.26 -8.20
CA CYS B 187 -26.20 -10.09 -7.05
C CYS B 187 -25.30 -9.77 -5.85
N GLU B 188 -25.84 -9.96 -4.66
CA GLU B 188 -25.00 -9.95 -3.46
C GLU B 188 -25.66 -10.81 -2.40
N TYR B 189 -24.83 -11.34 -1.49
CA TYR B 189 -25.36 -11.99 -0.30
C TYR B 189 -24.68 -11.41 0.93
N PHE C 3 -8.44 2.62 44.03
CA PHE C 3 -7.17 1.91 44.10
C PHE C 3 -6.83 1.54 45.54
N GLY C 4 -6.32 2.50 46.32
CA GLY C 4 -6.09 2.24 47.72
C GLY C 4 -4.97 1.26 48.01
N CYS C 5 -4.00 1.16 47.11
CA CYS C 5 -2.88 0.25 47.27
C CYS C 5 -1.79 0.97 48.05
N ASP C 6 -1.64 0.59 49.32
CA ASP C 6 -0.80 1.28 50.29
C ASP C 6 0.66 0.88 50.20
N GLY C 7 0.96 -0.23 49.52
CA GLY C 7 2.27 -0.85 49.67
C GLY C 7 3.41 -0.02 49.13
N THR C 8 4.62 -0.50 49.44
CA THR C 8 5.85 -0.06 48.79
C THR C 8 5.89 -0.54 47.34
N LEU C 9 5.02 0.02 46.51
CA LEU C 9 4.79 -0.47 45.16
C LEU C 9 5.46 0.37 44.08
N GLU C 10 6.13 1.47 44.44
CA GLU C 10 6.82 2.33 43.48
C GLU C 10 5.87 2.77 42.37
N GLN C 11 4.64 3.11 42.74
CA GLN C 11 3.67 3.53 41.76
C GLN C 11 2.63 4.38 42.46
N ASN C 12 2.13 5.38 41.75
CA ASN C 12 0.97 6.08 42.28
C ASN C 12 -0.20 5.96 41.30
N ASP C 13 -1.32 6.56 41.67
CA ASP C 13 -2.58 6.26 40.98
C ASP C 13 -2.65 6.84 39.57
N THR C 14 -1.78 7.78 39.21
CA THR C 14 -1.84 8.31 37.85
C THR C 14 -1.62 7.20 36.83
N THR C 15 -0.56 6.40 37.02
CA THR C 15 -0.30 5.32 36.10
C THR C 15 -1.26 4.15 36.34
N ARG C 16 -1.72 3.96 37.59
CA ARG C 16 -2.71 2.92 37.81
C ARG C 16 -3.97 3.22 37.01
N GLU C 17 -4.37 4.49 36.97
CA GLU C 17 -5.55 4.89 36.22
C GLU C 17 -5.33 4.70 34.72
N VAL C 18 -4.14 5.02 34.22
CA VAL C 18 -3.82 4.71 32.84
C VAL C 18 -4.00 3.21 32.59
N PHE C 19 -3.36 2.37 33.42
CA PHE C 19 -3.53 0.93 33.31
C PHE C 19 -5.01 0.54 33.29
N LEU C 20 -5.75 0.97 34.31
CA LEU C 20 -7.12 0.47 34.48
C LEU C 20 -8.04 0.95 33.38
N ARG C 21 -7.98 2.25 33.08
CA ARG C 21 -8.81 2.85 32.06
C ARG C 21 -8.56 2.20 30.70
N PHE C 22 -7.29 2.04 30.36
CA PHE C 22 -6.92 1.44 29.09
C PHE C 22 -7.61 0.09 28.92
N HIS C 23 -7.53 -0.75 29.94
CA HIS C 23 -8.15 -2.07 29.88
C HIS C 23 -9.66 -1.93 29.65
N ASN C 24 -10.31 -1.08 30.43
CA ASN C 24 -11.75 -1.05 30.35
C ASN C 24 -12.25 -0.37 29.08
N ASP C 25 -11.46 0.53 28.51
CA ASP C 25 -11.77 1.10 27.20
C ASP C 25 -11.69 0.05 26.10
N VAL C 26 -10.59 -0.71 26.07
CA VAL C 26 -10.46 -1.83 25.14
C VAL C 26 -11.68 -2.74 25.25
N ARG C 27 -12.03 -3.11 26.49
CA ARG C 27 -13.10 -4.07 26.69
C ARG C 27 -14.44 -3.48 26.29
N LYS C 28 -14.68 -2.21 26.63
CA LYS C 28 -15.93 -1.56 26.22
C LYS C 28 -16.07 -1.52 24.69
N PHE C 29 -15.00 -1.19 23.98
CA PHE C 29 -15.12 -1.09 22.53
C PHE C 29 -15.25 -2.47 21.88
N ILE C 30 -14.65 -3.51 22.47
CA ILE C 30 -14.93 -4.86 22.00
C ILE C 30 -16.39 -5.21 22.25
N ALA C 31 -16.88 -4.95 23.46
CA ALA C 31 -18.27 -5.24 23.78
C ALA C 31 -19.22 -4.54 22.82
N LEU C 32 -18.92 -3.28 22.49
CA LEU C 32 -19.74 -2.51 21.57
C LEU C 32 -19.58 -2.94 20.13
N GLY C 33 -18.55 -3.74 19.82
CA GLY C 33 -18.35 -4.18 18.47
C GLY C 33 -17.70 -3.17 17.57
N ILE C 34 -16.98 -2.20 18.12
CA ILE C 34 -16.32 -1.19 17.31
C ILE C 34 -14.81 -1.15 17.50
N TYR C 35 -14.22 -2.05 18.31
CA TYR C 35 -12.76 -2.02 18.42
C TYR C 35 -12.15 -2.51 17.12
N PRO C 36 -11.23 -1.77 16.51
CA PRO C 36 -10.68 -2.20 15.21
C PRO C 36 -9.86 -3.47 15.33
N ASN C 37 -10.23 -4.47 14.55
CA ASN C 37 -9.40 -5.63 14.29
C ASN C 37 -8.31 -5.25 13.29
N LYS C 38 -7.47 -6.21 12.89
CA LYS C 38 -6.53 -5.94 11.80
C LYS C 38 -7.29 -5.45 10.57
N VAL C 39 -8.35 -6.17 10.23
CA VAL C 39 -9.34 -5.77 9.24
C VAL C 39 -10.69 -5.85 9.93
N GLY C 40 -11.48 -4.79 9.82
CA GLY C 40 -12.81 -4.83 10.40
C GLY C 40 -12.76 -4.57 11.89
N VAL C 41 -13.74 -5.12 12.60
CA VAL C 41 -13.94 -4.82 14.02
C VAL C 41 -13.94 -6.10 14.85
N LEU C 42 -13.60 -5.93 16.12
CA LEU C 42 -13.81 -6.96 17.14
C LEU C 42 -15.18 -6.77 17.76
N GLY C 43 -15.82 -7.88 18.06
CA GLY C 43 -17.10 -7.85 18.74
C GLY C 43 -18.24 -7.61 17.76
N PRO C 44 -19.46 -7.41 18.29
CA PRO C 44 -19.79 -7.25 19.71
C PRO C 44 -19.65 -8.53 20.54
N ALA C 45 -19.55 -8.34 21.85
CA ALA C 45 -19.29 -9.42 22.78
C ALA C 45 -20.31 -9.35 23.90
N LYS C 46 -20.80 -10.50 24.27
CA LYS C 46 -21.68 -10.58 25.38
C LYS C 46 -20.80 -11.15 26.48
N ASN C 47 -21.07 -10.73 27.72
CA ASN C 47 -20.33 -11.24 28.88
C ASN C 47 -18.96 -10.61 29.09
N MET C 48 -18.79 -9.39 28.59
CA MET C 48 -17.53 -8.66 28.74
C MET C 48 -17.62 -7.85 30.03
N TYR C 49 -16.86 -8.27 31.04
CA TYR C 49 -16.98 -7.69 32.38
C TYR C 49 -16.01 -6.55 32.60
N GLN C 50 -16.49 -5.53 33.32
CA GLN C 50 -15.66 -4.42 33.77
C GLN C 50 -14.56 -4.90 34.72
N LEU C 51 -13.38 -4.31 34.58
CA LEU C 51 -12.25 -4.67 35.44
C LEU C 51 -12.16 -3.68 36.60
N LYS C 52 -11.89 -4.20 37.79
CA LYS C 52 -11.54 -3.40 38.95
C LYS C 52 -10.09 -3.67 39.31
N TRP C 53 -9.44 -2.68 39.90
CA TRP C 53 -8.08 -2.88 40.38
C TRP C 53 -8.06 -3.85 41.54
N SER C 54 -6.98 -4.63 41.63
CA SER C 54 -6.73 -5.46 42.79
C SER C 54 -5.34 -5.15 43.30
N CYS C 55 -5.24 -4.73 44.58
CA CYS C 55 -3.92 -4.48 45.12
C CYS C 55 -3.12 -5.78 45.27
N ASP C 56 -3.79 -6.88 45.59
CA ASP C 56 -3.12 -8.18 45.65
C ASP C 56 -2.49 -8.53 44.31
N LEU C 57 -3.22 -8.27 43.22
CA LEU C 57 -2.66 -8.60 41.91
C LEU C 57 -1.53 -7.64 41.56
N GLU C 58 -1.65 -6.36 41.92
CA GLU C 58 -0.54 -5.43 41.72
C GLU C 58 0.70 -5.88 42.48
N GLU C 59 0.53 -6.39 43.71
CA GLU C 59 1.68 -6.91 44.43
C GLU C 59 2.30 -8.09 43.69
N GLU C 60 1.46 -9.00 43.18
CA GLU C 60 1.96 -10.09 42.35
C GLU C 60 2.71 -9.57 41.13
N ALA C 61 2.21 -8.47 40.52
CA ALA C 61 2.91 -7.87 39.39
C ALA C 61 4.23 -7.25 39.83
N HIS C 62 4.18 -6.47 40.91
CA HIS C 62 5.39 -5.84 41.46
C HIS C 62 6.43 -6.90 41.87
N GLU C 63 5.99 -7.95 42.55
CA GLU C 63 6.94 -8.98 42.99
C GLU C 63 7.64 -9.65 41.81
N SER C 64 6.98 -9.80 40.68
CA SER C 64 7.56 -10.56 39.57
C SER C 64 8.68 -9.81 38.84
N ILE C 65 8.72 -8.48 38.97
CA ILE C 65 9.73 -7.66 38.31
C ILE C 65 10.65 -6.97 39.30
N TYR C 66 10.45 -7.24 40.60
CA TYR C 66 11.21 -6.61 41.67
C TYR C 66 12.71 -6.84 41.55
N SER C 67 13.12 -8.04 41.15
CA SER C 67 14.53 -8.34 41.04
C SER C 67 15.16 -7.80 39.76
N CYS C 68 14.37 -7.17 38.90
CA CYS C 68 14.78 -6.71 37.57
C CYS C 68 15.01 -7.85 36.60
N SER C 69 14.61 -9.08 36.96
CA SER C 69 14.51 -10.19 36.03
C SER C 69 13.12 -10.78 36.18
N TYR C 70 12.36 -10.80 35.09
CA TYR C 70 10.97 -11.24 35.16
C TYR C 70 10.86 -12.64 35.75
N ASN C 71 10.05 -12.76 36.79
CA ASN C 71 9.84 -14.02 37.48
C ASN C 71 8.40 -14.12 37.96
N PRO C 72 7.50 -14.58 37.10
CA PRO C 72 6.08 -14.59 37.49
C PRO C 72 5.85 -15.57 38.62
N LEU C 73 4.87 -15.23 39.48
CA LEU C 73 4.46 -16.12 40.55
C LEU C 73 3.67 -17.32 40.04
N LEU C 74 3.09 -17.20 38.84
CA LEU C 74 2.33 -18.25 38.16
C LEU C 74 1.01 -18.57 38.86
N LEU C 75 0.52 -17.68 39.73
CA LEU C 75 -0.80 -17.90 40.34
C LEU C 75 -1.92 -17.45 39.43
N HIS C 76 -1.63 -16.52 38.52
CA HIS C 76 -2.65 -15.84 37.74
C HIS C 76 -2.09 -15.55 36.37
N PRO C 77 -2.94 -15.45 35.35
CA PRO C 77 -2.46 -14.99 34.04
C PRO C 77 -1.73 -13.65 34.17
N GLN C 78 -0.68 -13.50 33.38
CA GLN C 78 0.16 -12.33 33.53
C GLN C 78 0.73 -11.95 32.18
N SER C 79 0.66 -10.66 31.87
CA SER C 79 1.24 -10.06 30.67
C SER C 79 2.48 -9.27 31.07
N TYR C 80 3.47 -9.28 30.20
CA TYR C 80 4.77 -8.70 30.54
C TYR C 80 5.47 -8.21 29.28
N SER C 81 6.15 -7.06 29.40
CA SER C 81 7.05 -6.60 28.33
C SER C 81 8.21 -5.85 28.97
N LYS C 82 9.36 -5.90 28.31
CA LYS C 82 10.53 -5.11 28.65
C LYS C 82 10.71 -4.04 27.58
N LEU C 83 10.72 -2.79 28.00
CA LEU C 83 10.88 -1.66 27.10
C LEU C 83 12.17 -0.94 27.42
N LEU C 84 12.69 -0.23 26.43
CA LEU C 84 13.88 0.57 26.64
C LEU C 84 13.52 1.80 27.46
N SER C 85 14.28 2.03 28.53
CA SER C 85 14.04 3.19 29.36
C SER C 85 14.41 4.45 28.58
N VAL C 86 13.54 5.45 28.62
CA VAL C 86 13.79 6.68 27.90
C VAL C 86 13.54 7.85 28.85
N ASP C 87 13.99 9.02 28.42
CA ASP C 87 13.86 10.24 29.21
C ASP C 87 12.52 10.89 28.89
N LEU C 88 11.46 10.23 29.34
CA LEU C 88 10.08 10.64 29.20
C LEU C 88 9.33 10.21 30.45
N PRO C 89 8.16 10.78 30.73
CA PRO C 89 7.43 10.41 31.97
C PRO C 89 7.00 8.94 31.99
N ASP C 90 6.71 8.46 33.21
CA ASP C 90 6.29 7.07 33.38
C ASP C 90 4.99 6.77 32.62
N THR C 91 4.09 7.75 32.49
CA THR C 91 2.86 7.48 31.74
C THR C 91 3.16 7.13 30.29
N ASP C 92 4.26 7.67 29.74
CA ASP C 92 4.61 7.38 28.35
C ASP C 92 4.99 5.92 28.18
N VAL C 93 5.77 5.38 29.12
CA VAL C 93 6.18 3.99 28.94
C VAL C 93 5.04 3.04 29.31
N VAL C 94 4.23 3.39 30.32
CA VAL C 94 3.02 2.60 30.60
C VAL C 94 2.09 2.62 29.40
N GLY C 95 1.80 3.82 28.87
CA GLY C 95 0.98 3.92 27.68
C GLY C 95 1.58 3.20 26.48
N ALA C 96 2.90 3.32 26.28
CA ALA C 96 3.53 2.65 25.14
C ALA C 96 3.36 1.15 25.25
N THR C 97 3.53 0.59 26.45
CA THR C 97 3.37 -0.85 26.63
C THR C 97 1.96 -1.29 26.29
N LEU C 98 0.96 -0.59 26.83
CA LEU C 98 -0.45 -0.94 26.59
C LEU C 98 -0.80 -0.80 25.11
N GLU C 99 -0.42 0.33 24.49
CA GLU C 99 -0.65 0.45 23.06
C GLU C 99 0.03 -0.69 22.30
N MET C 100 1.28 -1.01 22.66
CA MET C 100 1.99 -2.08 21.99
C MET C 100 1.25 -3.40 22.13
N TRP C 101 0.74 -3.71 23.33
CA TRP C 101 0.01 -4.98 23.48
C TRP C 101 -1.19 -5.02 22.54
N THR C 102 -1.88 -3.90 22.36
CA THR C 102 -3.00 -3.91 21.40
C THR C 102 -2.52 -3.90 19.96
N GLU C 103 -1.37 -3.29 19.66
CA GLU C 103 -0.92 -3.30 18.27
C GLU C 103 -0.53 -4.70 17.81
N PHE C 104 0.04 -5.52 18.71
CA PHE C 104 0.30 -6.92 18.39
C PHE C 104 -0.94 -7.57 17.81
N MET C 105 -2.09 -7.35 18.47
CA MET C 105 -3.35 -7.88 17.98
C MET C 105 -3.67 -7.35 16.59
N ARG C 106 -3.57 -6.02 16.40
CA ARG C 106 -3.92 -5.41 15.13
C ARG C 106 -2.95 -5.81 14.03
N ILE C 107 -1.72 -6.15 14.39
CA ILE C 107 -0.75 -6.55 13.37
C ILE C 107 -1.06 -7.96 12.89
N TYR C 108 -1.47 -8.84 13.80
CA TYR C 108 -1.70 -10.24 13.48
C TYR C 108 -3.14 -10.54 13.10
N GLY C 109 -4.10 -9.91 13.78
CA GLY C 109 -5.50 -10.14 13.47
C GLY C 109 -6.16 -11.23 14.28
N VAL C 110 -7.31 -10.91 14.84
CA VAL C 110 -8.15 -11.86 15.56
C VAL C 110 -9.07 -12.57 14.58
N ASN C 111 -9.23 -13.87 14.79
CA ASN C 111 -10.33 -14.61 14.17
C ASN C 111 -11.59 -14.29 14.97
N THR C 112 -12.49 -13.47 14.40
CA THR C 112 -13.64 -13.05 15.17
C THR C 112 -14.77 -14.08 15.18
N LYS C 113 -14.59 -15.23 14.52
CA LYS C 113 -15.55 -16.32 14.67
C LYS C 113 -15.34 -17.05 15.99
N THR C 114 -14.08 -17.29 16.35
CA THR C 114 -13.72 -17.97 17.60
C THR C 114 -13.27 -17.02 18.71
N ASN C 115 -12.71 -15.87 18.34
CA ASN C 115 -12.04 -14.97 19.29
C ASN C 115 -10.99 -15.69 20.12
N SER C 116 -10.31 -16.65 19.49
CA SER C 116 -9.31 -17.43 20.21
C SER C 116 -8.05 -16.62 20.50
N TYR C 117 -7.48 -16.86 21.67
CA TYR C 117 -6.13 -16.47 22.00
C TYR C 117 -5.17 -16.84 20.88
N ASN C 118 -4.19 -15.97 20.65
CA ASN C 118 -3.07 -16.32 19.79
C ASN C 118 -1.82 -15.88 20.53
N PRO C 119 -0.79 -16.72 20.61
CA PRO C 119 0.47 -16.31 21.25
C PRO C 119 1.02 -15.01 20.72
N SER C 120 0.76 -14.66 19.46
CA SER C 120 1.28 -13.42 18.92
C SER C 120 0.61 -12.18 19.51
N PHE C 121 -0.54 -12.31 20.17
CA PHE C 121 -1.10 -11.19 20.94
C PHE C 121 -1.54 -11.69 22.31
N SER C 122 -0.60 -12.33 23.02
CA SER C 122 -0.95 -12.94 24.30
C SER C 122 -1.40 -11.90 25.31
N GLN C 123 -0.72 -10.75 25.34
CA GLN C 123 -1.07 -9.71 26.30
C GLN C 123 -2.48 -9.18 26.01
N PHE C 124 -2.75 -8.90 24.73
CA PHE C 124 -4.10 -8.47 24.36
C PHE C 124 -5.13 -9.49 24.80
N ALA C 125 -4.84 -10.78 24.59
CA ALA C 125 -5.80 -11.79 25.00
C ALA C 125 -6.05 -11.72 26.50
N ASN C 126 -4.99 -11.54 27.27
CA ASN C 126 -5.17 -11.44 28.72
C ASN C 126 -5.98 -10.20 29.07
N MET C 127 -5.74 -9.11 28.34
CA MET C 127 -6.44 -7.85 28.61
C MET C 127 -7.91 -7.94 28.22
N ALA C 128 -8.24 -8.72 27.20
CA ALA C 128 -9.60 -8.79 26.66
C ALA C 128 -10.42 -9.94 27.23
N TYR C 129 -9.84 -10.85 28.00
CA TYR C 129 -10.57 -12.04 28.44
C TYR C 129 -11.85 -11.64 29.18
N SER C 130 -13.00 -12.09 28.66
CA SER C 130 -14.28 -11.44 28.94
C SER C 130 -14.69 -11.60 30.39
N LYS C 131 -14.41 -12.75 30.97
CA LYS C 131 -14.97 -13.11 32.25
C LYS C 131 -14.08 -12.74 33.43
N ASN C 132 -12.86 -12.26 33.17
CA ASN C 132 -12.05 -11.65 34.22
C ASN C 132 -12.72 -10.38 34.71
N THR C 133 -12.51 -10.07 36.00
CA THR C 133 -12.99 -8.82 36.59
C THR C 133 -11.93 -8.04 37.38
N LYS C 134 -10.68 -8.53 37.45
CA LYS C 134 -9.69 -7.89 38.30
C LYS C 134 -8.34 -7.85 37.61
N VAL C 135 -7.65 -6.72 37.75
CA VAL C 135 -6.33 -6.56 37.19
C VAL C 135 -5.44 -5.80 38.18
N GLY C 136 -4.15 -6.08 38.12
CA GLY C 136 -3.20 -5.29 38.88
C GLY C 136 -1.94 -5.20 38.07
N CYS C 137 -1.35 -4.01 37.93
CA CYS C 137 -0.20 -3.82 37.06
C CYS C 137 0.88 -3.04 37.80
N SER C 138 2.11 -3.15 37.29
CA SER C 138 3.26 -2.55 37.91
C SER C 138 4.30 -2.32 36.83
N TYR C 139 5.26 -1.42 37.11
CA TYR C 139 6.40 -1.23 36.23
C TYR C 139 7.63 -0.93 37.09
N LYS C 140 8.81 -1.14 36.52
CA LYS C 140 10.04 -0.89 37.26
C LYS C 140 11.14 -0.52 36.30
N LYS C 141 11.85 0.56 36.62
CA LYS C 141 13.02 0.93 35.86
C LYS C 141 14.20 0.08 36.31
N CYS C 142 14.73 -0.70 35.37
CA CYS C 142 15.85 -1.61 35.62
C CYS C 142 17.00 -1.16 34.74
N GLY C 143 17.61 -0.03 35.11
CA GLY C 143 18.67 0.60 34.34
C GLY C 143 18.24 1.06 32.97
N GLY C 144 18.81 0.44 31.94
CA GLY C 144 18.48 0.80 30.58
C GLY C 144 17.11 0.31 30.12
N ASP C 145 16.47 -0.59 30.86
CA ASP C 145 15.17 -1.13 30.49
C ASP C 145 14.14 -0.83 31.57
N THR C 146 12.88 -0.81 31.16
CA THR C 146 11.76 -0.67 32.07
C THR C 146 10.84 -1.86 31.82
N LEU C 147 10.56 -2.60 32.88
CA LEU C 147 9.67 -3.74 32.83
C LEU C 147 8.27 -3.30 33.21
N VAL C 148 7.28 -3.79 32.48
CA VAL C 148 5.87 -3.45 32.68
C VAL C 148 5.07 -4.74 32.63
N THR C 149 4.14 -4.89 33.56
CA THR C 149 3.48 -6.18 33.62
C THR C 149 2.14 -6.02 34.29
N CYS C 150 1.17 -6.82 33.86
CA CYS C 150 -0.18 -6.83 34.41
C CYS C 150 -0.54 -8.25 34.77
N VAL C 151 -1.25 -8.40 35.90
CA VAL C 151 -1.69 -9.70 36.39
C VAL C 151 -3.21 -9.67 36.45
N TYR C 152 -3.84 -10.76 36.02
CA TYR C 152 -5.29 -10.85 35.90
C TYR C 152 -5.80 -11.97 36.79
N GLU C 153 -6.97 -11.79 37.38
CA GLU C 153 -7.50 -12.85 38.23
C GLU C 153 -7.83 -14.08 37.40
N LEU C 154 -8.60 -13.90 36.32
CA LEU C 154 -8.99 -15.01 35.46
C LEU C 154 -8.46 -14.78 34.05
N GLY C 155 -8.27 -15.87 33.31
CA GLY C 155 -7.85 -15.78 31.92
C GLY C 155 -8.21 -17.04 31.15
N VAL C 156 -7.79 -17.05 29.89
CA VAL C 156 -8.00 -18.24 29.06
C VAL C 156 -7.25 -19.41 29.69
N LYS C 157 -7.73 -20.62 29.44
CA LYS C 157 -7.08 -21.82 29.96
C LYS C 157 -6.64 -22.64 28.76
N LEU C 158 -5.37 -22.56 28.46
CA LEU C 158 -4.78 -23.08 27.25
C LEU C 158 -4.22 -24.48 27.47
N PRO C 159 -4.32 -25.35 26.45
CA PRO C 159 -4.81 -25.02 25.11
C PRO C 159 -6.31 -25.17 24.92
N SER C 160 -7.01 -25.72 25.92
CA SER C 160 -8.36 -26.23 25.66
C SER C 160 -9.40 -25.13 25.53
N HIS C 161 -9.25 -24.02 26.25
CA HIS C 161 -10.26 -22.97 26.30
C HIS C 161 -9.63 -21.64 25.97
N PRO C 162 -9.29 -21.42 24.69
CA PRO C 162 -8.63 -20.19 24.26
C PRO C 162 -9.57 -19.03 23.93
N GLN C 163 -10.88 -19.17 24.11
CA GLN C 163 -11.76 -18.12 23.62
C GLN C 163 -11.63 -16.86 24.49
N MET C 164 -11.29 -15.74 23.87
CA MET C 164 -11.13 -14.50 24.63
C MET C 164 -12.48 -13.92 25.03
N TRP C 165 -13.47 -13.99 24.14
CA TRP C 165 -14.82 -13.52 24.43
C TRP C 165 -15.79 -14.20 23.48
N GLU C 166 -17.05 -14.28 23.91
CA GLU C 166 -18.11 -14.86 23.10
C GLU C 166 -18.76 -13.78 22.26
N ASN C 167 -18.95 -14.06 20.98
CA ASN C 167 -19.74 -13.14 20.16
C ASN C 167 -21.15 -13.10 20.75
N GLY C 168 -21.66 -11.90 20.90
CA GLY C 168 -22.98 -11.72 21.46
C GLY C 168 -23.31 -10.25 21.51
N PRO C 169 -24.55 -9.93 21.84
CA PRO C 169 -24.95 -8.53 21.91
C PRO C 169 -24.36 -7.84 23.11
N THR C 170 -24.02 -6.57 22.93
CA THR C 170 -23.58 -5.73 24.04
C THR C 170 -24.61 -5.76 25.16
N CYS C 171 -24.12 -5.82 26.40
CA CYS C 171 -24.90 -5.79 27.64
C CYS C 171 -25.64 -7.08 27.96
N VAL C 172 -25.42 -8.16 27.22
CA VAL C 172 -25.86 -9.48 27.66
C VAL C 172 -24.86 -9.96 28.72
N CYS C 173 -25.30 -10.03 29.97
CA CYS C 173 -24.40 -10.28 31.10
C CYS C 173 -24.97 -11.42 31.96
N VAL C 174 -24.57 -12.65 31.66
CA VAL C 174 -25.21 -13.84 32.24
C VAL C 174 -24.18 -14.81 32.79
N ALA C 175 -22.90 -14.55 32.55
CA ALA C 175 -21.88 -15.53 32.95
C ALA C 175 -21.78 -15.63 34.47
N TYR C 176 -22.14 -14.57 35.18
CA TYR C 176 -22.18 -14.57 36.63
C TYR C 176 -23.59 -14.24 37.08
N THR C 177 -24.03 -14.86 38.18
CA THR C 177 -25.37 -14.59 38.69
C THR C 177 -25.50 -13.11 39.07
N ASP C 178 -26.65 -12.53 38.73
CA ASP C 178 -26.99 -11.15 39.10
C ASP C 178 -25.99 -10.16 38.52
N SER C 179 -25.73 -10.30 37.22
CA SER C 179 -24.90 -9.34 36.50
C SER C 179 -25.77 -8.24 35.92
N ILE C 180 -25.21 -7.03 35.86
CA ILE C 180 -25.84 -5.89 35.22
C ILE C 180 -24.83 -5.26 34.28
N CYS C 181 -25.33 -4.43 33.37
CA CYS C 181 -24.51 -3.67 32.43
C CYS C 181 -24.38 -2.23 32.93
N ASN C 182 -23.15 -1.80 33.17
CA ASN C 182 -22.96 -0.46 33.74
C ASN C 182 -23.06 0.58 32.62
N ASP C 183 -22.78 1.84 32.95
CA ASP C 183 -22.87 2.89 31.95
C ASP C 183 -21.67 2.90 31.01
N ASN C 184 -20.67 2.07 31.26
CA ASN C 184 -19.55 1.85 30.35
C ASN C 184 -19.84 0.80 29.29
N ASN C 185 -21.08 0.31 29.22
CA ASN C 185 -21.48 -0.79 28.35
C ASN C 185 -20.81 -2.11 28.71
N LEU C 186 -20.29 -2.23 29.93
CA LEU C 186 -19.62 -3.43 30.37
C LEU C 186 -20.40 -4.10 31.49
N CYS C 187 -20.31 -5.42 31.54
CA CYS C 187 -20.98 -6.21 32.58
C CYS C 187 -20.27 -6.02 33.92
N GLU C 188 -21.05 -6.03 35.00
CA GLU C 188 -20.47 -6.10 36.33
C GLU C 188 -21.26 -7.09 37.16
N TYR C 189 -20.63 -7.55 38.23
CA TYR C 189 -21.36 -8.31 39.23
C TYR C 189 -20.68 -8.23 40.59
N PHE D 3 10.07 26.01 15.00
CA PHE D 3 9.12 25.33 14.13
C PHE D 3 8.45 26.32 13.19
N GLY D 4 7.72 27.27 13.76
CA GLY D 4 7.07 28.30 12.96
C GLY D 4 6.01 27.79 12.03
N CYS D 5 5.23 26.79 12.46
CA CYS D 5 4.17 26.27 11.59
C CYS D 5 2.89 27.01 11.97
N ASP D 6 2.54 27.97 11.11
CA ASP D 6 1.41 28.89 11.29
C ASP D 6 0.07 28.21 11.00
N GLY D 7 0.07 27.15 10.19
CA GLY D 7 -1.14 26.66 9.59
C GLY D 7 -2.13 26.08 10.59
N THR D 8 -3.35 25.87 10.11
CA THR D 8 -4.43 25.23 10.85
C THR D 8 -4.12 23.76 11.10
N LEU D 9 -3.12 23.50 11.93
CA LEU D 9 -2.57 22.16 12.06
C LEU D 9 -3.00 21.47 13.34
N GLU D 10 -3.78 22.13 14.19
CA GLU D 10 -4.32 21.50 15.39
C GLU D 10 -3.22 20.87 16.23
N GLN D 11 -2.08 21.56 16.31
CA GLN D 11 -0.92 21.09 17.05
C GLN D 11 -0.10 22.30 17.46
N ASN D 12 0.47 22.27 18.67
CA ASN D 12 1.36 23.36 19.06
C ASN D 12 2.77 22.81 19.23
N ASP D 13 3.72 23.71 19.52
CA ASP D 13 5.13 23.33 19.44
C ASP D 13 5.54 22.32 20.50
N THR D 14 4.74 22.15 21.56
CA THR D 14 5.16 21.23 22.62
C THR D 14 5.19 19.79 22.12
N THR D 15 4.19 19.37 21.36
CA THR D 15 4.28 18.01 20.83
C THR D 15 5.25 17.94 19.66
N ARG D 16 5.37 19.01 18.86
CA ARG D 16 6.35 19.00 17.78
C ARG D 16 7.75 18.73 18.33
N GLU D 17 8.07 19.32 19.47
CA GLU D 17 9.38 19.13 20.08
C GLU D 17 9.54 17.70 20.58
N VAL D 18 8.50 17.11 21.16
CA VAL D 18 8.61 15.71 21.57
C VAL D 18 8.92 14.84 20.36
N PHE D 19 8.16 15.02 19.26
CA PHE D 19 8.43 14.32 18.01
C PHE D 19 9.87 14.49 17.56
N LEU D 20 10.31 15.76 17.43
CA LEU D 20 11.61 16.03 16.83
C LEU D 20 12.74 15.52 17.73
N ARG D 21 12.71 15.89 19.01
CA ARG D 21 13.76 15.47 19.93
C ARG D 21 13.88 13.95 20.01
N PHE D 22 12.73 13.24 20.06
CA PHE D 22 12.77 11.78 20.10
C PHE D 22 13.52 11.22 18.90
N HIS D 23 13.12 11.64 17.69
CA HIS D 23 13.79 11.22 16.46
C HIS D 23 15.29 11.44 16.55
N ASN D 24 15.71 12.65 16.88
CA ASN D 24 17.13 12.95 16.87
C ASN D 24 17.89 12.24 17.99
N ASP D 25 17.22 11.95 19.11
CA ASP D 25 17.87 11.15 20.14
C ASP D 25 18.15 9.74 19.65
N VAL D 26 17.13 9.08 19.07
CA VAL D 26 17.31 7.74 18.51
C VAL D 26 18.43 7.76 17.47
N ARG D 27 18.38 8.74 16.55
CA ARG D 27 19.35 8.76 15.46
C ARG D 27 20.76 8.95 15.97
N LYS D 28 20.96 9.84 16.94
CA LYS D 28 22.32 10.02 17.47
C LYS D 28 22.78 8.82 18.27
N PHE D 29 21.87 8.13 18.96
CA PHE D 29 22.24 6.92 19.68
C PHE D 29 22.68 5.82 18.73
N ILE D 30 22.00 5.71 17.57
CA ILE D 30 22.45 4.81 16.51
C ILE D 30 23.80 5.26 15.97
N ALA D 31 23.93 6.55 15.65
CA ALA D 31 25.19 7.06 15.12
C ALA D 31 26.35 6.77 16.06
N LEU D 32 26.14 6.92 17.37
CA LEU D 32 27.20 6.64 18.32
C LEU D 32 27.37 5.15 18.56
N GLY D 33 26.49 4.31 18.04
CA GLY D 33 26.61 2.88 18.26
C GLY D 33 26.24 2.40 19.64
N ILE D 34 25.31 3.07 20.31
CA ILE D 34 24.88 2.69 21.64
C ILE D 34 23.38 2.41 21.74
N TYR D 35 22.63 2.52 20.65
CA TYR D 35 21.19 2.30 20.72
C TYR D 35 20.89 0.79 20.80
N PRO D 36 20.18 0.33 21.82
CA PRO D 36 19.99 -1.11 22.00
C PRO D 36 19.20 -1.77 20.87
N ASN D 37 19.73 -2.88 20.37
CA ASN D 37 19.03 -3.77 19.45
C ASN D 37 18.22 -4.78 20.26
N LYS D 38 17.60 -5.75 19.59
CA LYS D 38 17.06 -6.89 20.32
C LYS D 38 18.14 -7.52 21.18
N VAL D 39 19.29 -7.79 20.58
CA VAL D 39 20.49 -8.18 21.31
C VAL D 39 21.64 -7.32 20.80
N GLY D 40 22.47 -6.86 21.73
CA GLY D 40 23.56 -5.97 21.36
C GLY D 40 23.05 -4.57 21.10
N VAL D 41 23.79 -3.83 20.26
CA VAL D 41 23.48 -2.44 19.98
C VAL D 41 23.37 -2.24 18.49
N LEU D 42 22.85 -1.08 18.10
CA LEU D 42 22.82 -0.63 16.73
C LEU D 42 23.94 0.37 16.49
N GLY D 43 24.44 0.39 15.26
CA GLY D 43 25.47 1.32 14.88
C GLY D 43 26.82 0.87 15.38
N PRO D 44 27.83 1.76 15.31
CA PRO D 44 27.74 3.15 14.84
C PRO D 44 27.42 3.27 13.35
N ALA D 45 26.94 4.45 12.95
CA ALA D 45 26.52 4.72 11.59
C ALA D 45 27.26 5.94 11.07
N LYS D 46 27.57 5.89 9.83
CA LYS D 46 28.08 7.02 9.21
C LYS D 46 26.90 7.66 8.51
N ASN D 47 27.03 8.87 8.18
CA ASN D 47 25.99 9.51 7.36
C ASN D 47 24.59 9.67 7.98
N MET D 48 24.51 9.61 9.31
CA MET D 48 23.28 9.76 10.07
C MET D 48 23.00 11.25 10.27
N TYR D 49 22.03 11.77 9.54
CA TYR D 49 21.77 13.22 9.54
C TYR D 49 20.76 13.64 10.58
N GLN D 50 20.98 14.81 11.16
CA GLN D 50 20.01 15.37 12.09
C GLN D 50 18.74 15.73 11.34
N LEU D 51 17.59 15.50 11.98
CA LEU D 51 16.32 15.86 11.37
C LEU D 51 15.98 17.30 11.75
N LYS D 52 15.42 18.04 10.80
CA LYS D 52 14.79 19.32 11.04
C LYS D 52 13.29 19.18 10.79
N TRP D 53 12.51 20.01 11.47
CA TRP D 53 11.06 20.02 11.24
C TRP D 53 10.75 20.62 9.87
N SER D 54 9.71 20.08 9.23
CA SER D 54 9.18 20.65 7.99
C SER D 54 7.69 20.85 8.18
N CYS D 55 7.25 22.11 8.15
CA CYS D 55 5.82 22.41 8.24
C CYS D 55 5.06 21.83 7.06
N ASP D 56 5.71 21.75 5.90
CA ASP D 56 5.10 21.13 4.72
C ASP D 56 4.84 19.65 4.96
N LEU D 57 5.83 18.93 5.51
CA LEU D 57 5.61 17.52 5.80
C LEU D 57 4.58 17.36 6.91
N GLU D 58 4.57 18.27 7.90
CA GLU D 58 3.52 18.22 8.89
C GLU D 58 2.15 18.43 8.24
N GLU D 59 2.06 19.30 7.23
CA GLU D 59 0.81 19.42 6.48
C GLU D 59 0.40 18.09 5.89
N GLU D 60 1.34 17.43 5.21
CA GLU D 60 1.06 16.12 4.62
C GLU D 60 0.63 15.11 5.68
N ALA D 61 1.27 15.16 6.85
CA ALA D 61 0.88 14.28 7.94
C ALA D 61 -0.54 14.61 8.41
N HIS D 62 -0.78 15.89 8.70
CA HIS D 62 -2.09 16.32 9.18
C HIS D 62 -3.18 15.97 8.17
N GLU D 63 -2.93 16.21 6.89
CA GLU D 63 -3.97 15.96 5.89
C GLU D 63 -4.33 14.48 5.81
N SER D 64 -3.36 13.59 6.01
CA SER D 64 -3.63 12.16 5.85
C SER D 64 -4.50 11.58 6.97
N ILE D 65 -4.66 12.25 8.11
CA ILE D 65 -5.42 11.69 9.21
C ILE D 65 -6.60 12.55 9.59
N TYR D 66 -6.75 13.69 8.93
CA TYR D 66 -7.75 14.70 9.25
C TYR D 66 -9.17 14.13 9.27
N SER D 67 -9.45 13.16 8.40
CA SER D 67 -10.77 12.54 8.29
C SER D 67 -10.99 11.41 9.30
N CYS D 68 -10.03 11.19 10.20
CA CYS D 68 -10.05 10.10 11.16
C CYS D 68 -10.04 8.73 10.49
N SER D 69 -9.73 8.68 9.20
CA SER D 69 -9.38 7.45 8.51
C SER D 69 -8.11 7.70 7.71
N TYR D 70 -7.10 6.86 7.93
CA TYR D 70 -5.80 7.08 7.35
C TYR D 70 -5.87 7.07 5.82
N ASN D 71 -5.52 8.19 5.21
CA ASN D 71 -5.36 8.25 3.76
C ASN D 71 -4.11 9.05 3.43
N PRO D 72 -2.97 8.37 3.31
CA PRO D 72 -1.73 9.08 3.02
C PRO D 72 -1.72 9.68 1.63
N LEU D 73 -1.00 10.79 1.49
CA LEU D 73 -0.86 11.44 0.21
C LEU D 73 0.10 10.72 -0.71
N LEU D 74 0.97 9.88 -0.13
CA LEU D 74 1.92 9.07 -0.87
C LEU D 74 2.98 9.92 -1.55
N LEU D 75 3.14 11.16 -1.11
CA LEU D 75 4.20 12.01 -1.65
C LEU D 75 5.53 11.72 -0.98
N HIS D 76 5.52 11.25 0.26
CA HIS D 76 6.73 11.03 1.04
C HIS D 76 6.54 9.81 1.91
N PRO D 77 7.64 9.12 2.29
CA PRO D 77 7.53 8.00 3.24
C PRO D 77 6.77 8.43 4.48
N GLN D 78 5.99 7.49 5.04
CA GLN D 78 5.10 7.90 6.11
C GLN D 78 4.91 6.76 7.11
N SER D 79 4.97 7.09 8.38
CA SER D 79 4.74 6.15 9.46
C SER D 79 3.39 6.46 10.09
N TYR D 80 2.66 5.43 10.46
CA TYR D 80 1.31 5.63 10.97
C TYR D 80 0.95 4.58 12.00
N SER D 81 0.27 5.02 13.06
CA SER D 81 -0.31 4.12 14.03
C SER D 81 -1.66 4.66 14.46
N LYS D 82 -2.65 3.78 14.54
CA LYS D 82 -3.92 4.10 15.18
C LYS D 82 -3.87 3.56 16.60
N LEU D 83 -3.95 4.46 17.57
CA LEU D 83 -3.84 4.09 18.96
C LEU D 83 -5.23 4.09 19.60
N LEU D 84 -5.36 3.33 20.68
CA LEU D 84 -6.46 3.57 21.60
C LEU D 84 -6.25 4.91 22.28
N SER D 85 -7.30 5.73 22.36
CA SER D 85 -7.12 7.01 23.01
C SER D 85 -6.94 6.82 24.51
N VAL D 86 -6.12 7.69 25.10
CA VAL D 86 -5.91 7.68 26.54
C VAL D 86 -6.14 9.10 27.05
N ASP D 87 -6.61 9.17 28.28
CA ASP D 87 -6.83 10.44 28.97
C ASP D 87 -5.50 10.91 29.57
N LEU D 88 -4.58 11.26 28.69
CA LEU D 88 -3.27 11.79 29.04
C LEU D 88 -2.97 12.99 28.16
N PRO D 89 -2.07 13.87 28.62
CA PRO D 89 -1.64 14.98 27.74
C PRO D 89 -1.19 14.46 26.39
N ASP D 90 -1.36 15.31 25.37
CA ASP D 90 -0.96 14.96 24.02
C ASP D 90 0.53 14.60 23.94
N THR D 91 1.38 15.30 24.71
CA THR D 91 2.82 14.98 24.69
C THR D 91 3.07 13.53 25.06
N ASP D 92 2.28 13.01 26.00
CA ASP D 92 2.47 11.65 26.48
C ASP D 92 1.88 10.60 25.53
N VAL D 93 0.81 10.95 24.81
CA VAL D 93 0.36 10.05 23.75
C VAL D 93 1.39 9.98 22.63
N VAL D 94 1.95 11.14 22.24
CA VAL D 94 3.03 11.18 21.25
C VAL D 94 4.25 10.41 21.74
N GLY D 95 4.68 10.68 22.99
CA GLY D 95 5.78 9.91 23.56
C GLY D 95 5.51 8.41 23.55
N ALA D 96 4.31 7.99 23.95
CA ALA D 96 3.97 6.57 23.96
C ALA D 96 4.08 5.96 22.57
N THR D 97 3.57 6.65 21.56
CA THR D 97 3.64 6.16 20.18
C THR D 97 5.08 5.96 19.75
N LEU D 98 5.91 6.97 19.98
CA LEU D 98 7.29 6.91 19.53
C LEU D 98 8.03 5.78 20.22
N GLU D 99 7.83 5.63 21.53
CA GLU D 99 8.42 4.51 22.24
C GLU D 99 7.97 3.19 21.63
N MET D 100 6.65 3.08 21.37
CA MET D 100 6.11 1.85 20.79
C MET D 100 6.75 1.54 19.44
N TRP D 101 6.94 2.56 18.61
CA TRP D 101 7.55 2.33 17.31
C TRP D 101 8.96 1.76 17.46
N THR D 102 9.74 2.28 18.41
CA THR D 102 11.09 1.74 18.57
C THR D 102 11.04 0.33 19.16
N GLU D 103 10.04 0.04 19.99
CA GLU D 103 9.99 -1.28 20.62
C GLU D 103 9.69 -2.38 19.61
N PHE D 104 8.93 -2.07 18.55
CA PHE D 104 8.74 -3.04 17.48
C PHE D 104 10.08 -3.51 16.94
N MET D 105 11.01 -2.57 16.73
CA MET D 105 12.32 -2.96 16.25
C MET D 105 12.99 -3.92 17.21
N ARG D 106 12.90 -3.65 18.51
CA ARG D 106 13.52 -4.52 19.49
C ARG D 106 12.75 -5.84 19.67
N ILE D 107 11.50 -5.91 19.20
CA ILE D 107 10.81 -7.18 19.14
C ILE D 107 11.42 -8.08 18.07
N TYR D 108 11.58 -7.56 16.86
CA TYR D 108 12.03 -8.38 15.75
C TYR D 108 13.53 -8.36 15.55
N GLY D 109 14.20 -7.31 16.01
CA GLY D 109 15.65 -7.22 15.93
C GLY D 109 16.15 -6.79 14.57
N VAL D 110 17.15 -5.92 14.57
CA VAL D 110 17.81 -5.48 13.34
C VAL D 110 18.98 -6.40 13.06
N ASN D 111 19.16 -6.75 11.79
CA ASN D 111 20.36 -7.44 11.32
C ASN D 111 21.43 -6.38 11.12
N THR D 112 22.34 -6.24 12.09
CA THR D 112 23.29 -5.13 12.04
C THR D 112 24.34 -5.29 10.95
N LYS D 113 24.42 -6.46 10.29
CA LYS D 113 25.31 -6.58 9.14
C LYS D 113 24.77 -5.79 7.96
N THR D 114 23.45 -5.79 7.78
CA THR D 114 22.81 -5.09 6.69
C THR D 114 22.05 -3.83 7.12
N ASN D 115 21.55 -3.79 8.35
CA ASN D 115 20.64 -2.74 8.80
C ASN D 115 19.45 -2.60 7.85
N SER D 116 18.99 -3.73 7.34
CA SER D 116 17.94 -3.72 6.34
C SER D 116 16.63 -3.26 6.95
N TYR D 117 15.87 -2.51 6.16
CA TYR D 117 14.47 -2.25 6.46
C TYR D 117 13.73 -3.57 6.67
N ASN D 118 12.80 -3.57 7.62
CA ASN D 118 11.97 -4.73 7.90
C ASN D 118 10.57 -4.19 8.08
N PRO D 119 9.59 -4.64 7.29
CA PRO D 119 8.22 -4.11 7.44
C PRO D 119 7.67 -4.23 8.85
N SER D 120 8.11 -5.24 9.61
CA SER D 120 7.64 -5.43 10.98
C SER D 120 8.09 -4.32 11.92
N PHE D 121 9.05 -3.49 11.53
CA PHE D 121 9.29 -2.28 12.30
C PHE D 121 9.46 -1.10 11.35
N SER D 122 8.45 -0.92 10.47
CA SER D 122 8.52 0.11 9.44
C SER D 122 8.66 1.52 10.04
N GLN D 123 7.97 1.81 11.14
CA GLN D 123 8.04 3.14 11.72
C GLN D 123 9.44 3.44 12.24
N PHE D 124 10.05 2.49 12.96
CA PHE D 124 11.44 2.69 13.38
C PHE D 124 12.31 2.95 12.17
N ALA D 125 12.14 2.14 11.10
CA ALA D 125 12.98 2.29 9.91
C ALA D 125 12.88 3.69 9.33
N ASN D 126 11.65 4.22 9.24
CA ASN D 126 11.46 5.56 8.70
C ASN D 126 12.10 6.61 9.60
N MET D 127 12.05 6.38 10.91
CA MET D 127 12.62 7.30 11.87
C MET D 127 14.14 7.28 11.83
N ALA D 128 14.72 6.11 11.52
CA ALA D 128 16.16 5.91 11.56
C ALA D 128 16.85 6.13 10.22
N TYR D 129 16.12 6.36 9.14
CA TYR D 129 16.73 6.40 7.81
C TYR D 129 17.77 7.51 7.75
N SER D 130 19.04 7.13 7.54
CA SER D 130 20.14 8.03 7.87
C SER D 130 20.19 9.25 6.96
N LYS D 131 19.82 9.11 5.69
CA LYS D 131 20.04 10.21 4.76
C LYS D 131 18.90 11.20 4.72
N ASN D 132 17.81 10.93 5.43
CA ASN D 132 16.73 11.90 5.57
C ASN D 132 17.16 13.03 6.48
N THR D 133 16.66 14.25 6.20
CA THR D 133 16.92 15.39 7.08
C THR D 133 15.67 16.17 7.47
N LYS D 134 14.47 15.77 7.05
CA LYS D 134 13.25 16.51 7.35
C LYS D 134 12.17 15.57 7.86
N VAL D 135 11.42 16.02 8.86
CA VAL D 135 10.28 15.26 9.35
C VAL D 135 9.16 16.23 9.70
N GLY D 136 7.94 15.78 9.50
CA GLY D 136 6.78 16.49 10.00
C GLY D 136 5.78 15.50 10.53
N CYS D 137 5.31 15.69 11.75
CA CYS D 137 4.44 14.72 12.39
C CYS D 137 3.16 15.39 12.86
N SER D 138 2.11 14.60 12.94
CA SER D 138 0.81 15.11 13.35
C SER D 138 0.10 14.03 14.14
N TYR D 139 -0.97 14.43 14.82
CA TYR D 139 -1.79 13.48 15.52
C TYR D 139 -3.20 14.04 15.57
N LYS D 140 -4.18 13.15 15.66
CA LYS D 140 -5.56 13.60 15.80
C LYS D 140 -6.34 12.62 16.68
N LYS D 141 -6.99 13.19 17.70
CA LYS D 141 -7.87 12.43 18.57
C LYS D 141 -9.20 12.22 17.87
N CYS D 142 -9.57 10.97 17.67
CA CYS D 142 -10.79 10.66 16.94
C CYS D 142 -11.73 9.86 17.84
N GLY D 143 -12.17 10.46 18.93
CA GLY D 143 -13.03 9.73 19.85
C GLY D 143 -12.25 8.61 20.51
N GLY D 144 -12.68 7.37 20.29
CA GLY D 144 -12.09 6.24 20.97
C GLY D 144 -10.67 5.93 20.52
N ASP D 145 -10.28 6.39 19.34
CA ASP D 145 -8.92 6.16 18.87
C ASP D 145 -8.23 7.47 18.55
N THR D 146 -6.93 7.36 18.39
CA THR D 146 -6.05 8.49 18.12
C THR D 146 -5.09 8.09 17.02
N LEU D 147 -5.01 8.90 15.98
CA LEU D 147 -4.13 8.65 14.86
C LEU D 147 -2.85 9.44 15.07
N VAL D 148 -1.71 8.79 14.86
CA VAL D 148 -0.43 9.44 15.01
C VAL D 148 0.39 9.08 13.79
N THR D 149 1.00 10.09 13.17
CA THR D 149 1.73 9.82 11.94
C THR D 149 2.88 10.80 11.76
N CYS D 150 3.96 10.31 11.18
CA CYS D 150 5.11 11.12 10.83
C CYS D 150 5.43 10.96 9.36
N VAL D 151 5.81 12.05 8.71
CA VAL D 151 6.15 12.07 7.30
C VAL D 151 7.60 12.53 7.18
N TYR D 152 8.37 11.78 6.39
CA TYR D 152 9.80 11.98 6.22
C TYR D 152 10.08 12.39 4.78
N GLU D 153 11.03 13.31 4.59
CA GLU D 153 11.30 13.73 3.21
C GLU D 153 11.88 12.58 2.39
N LEU D 154 12.84 11.85 2.96
CA LEU D 154 13.47 10.74 2.26
C LEU D 154 13.32 9.46 3.07
N GLY D 155 13.30 8.34 2.37
CA GLY D 155 13.21 7.05 3.03
C GLY D 155 13.80 5.96 2.17
N VAL D 156 13.79 4.75 2.72
CA VAL D 156 14.25 3.58 1.98
C VAL D 156 13.38 3.39 0.74
N LYS D 157 13.95 2.77 -0.28
CA LYS D 157 13.18 2.32 -1.44
C LYS D 157 13.51 0.86 -1.67
N LEU D 158 12.50 0.03 -1.63
CA LEU D 158 12.64 -1.41 -1.69
C LEU D 158 12.31 -1.88 -3.10
N PRO D 159 13.15 -2.71 -3.74
CA PRO D 159 14.26 -3.49 -3.20
C PRO D 159 15.63 -2.82 -3.23
N SER D 160 15.75 -1.67 -3.89
CA SER D 160 17.07 -1.23 -4.31
C SER D 160 17.88 -0.55 -3.21
N HIS D 161 17.22 0.10 -2.25
CA HIS D 161 17.91 0.76 -1.14
C HIS D 161 17.22 0.39 0.16
N PRO D 162 17.41 -0.85 0.63
CA PRO D 162 16.78 -1.27 1.89
C PRO D 162 17.55 -0.84 3.13
N GLN D 163 18.68 -0.17 2.97
CA GLN D 163 19.55 0.18 4.09
C GLN D 163 18.93 1.28 4.93
N MET D 164 18.69 1.01 6.22
CA MET D 164 18.28 2.09 7.11
C MET D 164 19.44 3.05 7.36
N TRP D 165 20.63 2.51 7.58
CA TRP D 165 21.84 3.30 7.70
C TRP D 165 23.01 2.40 7.34
N GLU D 166 24.16 3.00 7.11
CA GLU D 166 25.39 2.27 6.83
C GLU D 166 26.24 2.20 8.09
N ASN D 167 26.77 1.02 8.38
CA ASN D 167 27.73 0.91 9.46
C ASN D 167 28.94 1.78 9.14
N GLY D 168 29.42 2.50 10.15
CA GLY D 168 30.54 3.38 9.93
C GLY D 168 30.79 4.28 11.11
N PRO D 169 31.90 5.01 11.08
CA PRO D 169 32.28 5.83 12.23
C PRO D 169 31.32 6.98 12.42
N THR D 170 31.05 7.27 13.69
CA THR D 170 30.37 8.50 14.08
C THR D 170 31.09 9.71 13.47
N CYS D 171 30.29 10.66 12.99
CA CYS D 171 30.73 11.94 12.44
C CYS D 171 31.41 11.83 11.09
N VAL D 172 31.39 10.67 10.44
CA VAL D 172 31.69 10.63 9.01
C VAL D 172 30.46 11.16 8.29
N CYS D 173 30.58 12.29 7.61
CA CYS D 173 29.40 12.96 7.03
C CYS D 173 29.73 13.35 5.59
N VAL D 174 29.60 12.40 4.67
CA VAL D 174 29.94 12.62 3.27
C VAL D 174 28.77 12.37 2.33
N ALA D 175 27.60 11.98 2.86
CA ALA D 175 26.47 11.69 1.97
C ALA D 175 26.08 12.91 1.16
N TYR D 176 26.21 14.09 1.74
CA TYR D 176 25.93 15.34 1.06
C TYR D 176 27.19 16.17 1.09
N THR D 177 27.44 16.90 0.02
CA THR D 177 28.58 17.81 0.03
C THR D 177 28.33 18.91 1.06
N ASP D 178 29.40 19.36 1.70
CA ASP D 178 29.35 20.47 2.65
C ASP D 178 28.53 20.09 3.88
N SER D 179 28.69 18.86 4.34
CA SER D 179 28.11 18.40 5.60
C SER D 179 29.14 18.55 6.72
N ILE D 180 28.64 18.68 7.95
CA ILE D 180 29.49 18.67 9.13
C ILE D 180 28.80 17.83 10.19
N CYS D 181 29.58 17.47 11.20
CA CYS D 181 29.06 16.76 12.35
C CYS D 181 28.84 17.77 13.46
N ASN D 182 27.61 17.88 13.95
CA ASN D 182 27.26 18.94 14.88
C ASN D 182 27.51 18.45 16.30
N ASP D 183 27.09 19.24 17.29
CA ASP D 183 27.35 18.88 18.68
C ASP D 183 26.52 17.68 19.14
N ASN D 184 25.50 17.31 18.39
CA ASN D 184 24.75 16.09 18.71
C ASN D 184 25.38 14.85 18.16
N ASN D 185 26.56 14.96 17.54
CA ASN D 185 27.22 13.86 16.85
C ASN D 185 26.40 13.35 15.68
N LEU D 186 25.57 14.23 15.12
CA LEU D 186 24.80 13.97 13.93
C LEU D 186 25.32 14.82 12.79
N CYS D 187 25.19 14.32 11.56
CA CYS D 187 25.54 15.07 10.38
C CYS D 187 24.46 16.11 10.05
N GLU D 188 24.89 17.21 9.44
CA GLU D 188 23.92 18.14 8.85
C GLU D 188 24.60 18.88 7.71
N TYR D 189 23.80 19.35 6.77
CA TYR D 189 24.33 20.24 5.75
C TYR D 189 23.50 21.51 5.64
#